data_4CFN
#
_entry.id   4CFN
#
_cell.length_a   73.981
_cell.length_b   134.416
_cell.length_c   147.865
_cell.angle_alpha   90.00
_cell.angle_beta   90.00
_cell.angle_gamma   90.00
#
_symmetry.space_group_name_H-M   'P 21 21 21'
#
loop_
_entity.id
_entity.type
_entity.pdbx_description
1 polymer 'CYCLIN-DEPENDENT KINASE 2'
2 polymer CYCLIN-A2
3 non-polymer 6-(cyclohexylmethoxy)-8-(trifluoromethyl)-9H-purin-2-amine
4 non-polymer 2,3-DIHYDROXY-1,4-DITHIOBUTANE
5 water water
#
loop_
_entity_poly.entity_id
_entity_poly.type
_entity_poly.pdbx_seq_one_letter_code
_entity_poly.pdbx_strand_id
1 'polypeptide(L)'
;GPGSMENFQKVEKIGEGTYGVVYKARNKLTGEVVALKKIRLDTETEGVPSTAIREISLLKELNHPNIVKLLDVIHTENKL
YLVFEFLHQDLKKFMDASALTGIPLPLIKSYLFQLLQGLAFCHSHRVLHRDLKPQNLLINTEGAIKLADFGLARAFGVPV
RTY(TPO)HEVVTLWYRAPEILLGCKYYSTAVDIWSLGCIFAEMVTRRALFPGDSEIDQLFRIFRTLGTPDEVVWPGVTS
MPDYKPSFPKWARQDFSKVVPPLDEDGRSLLSQMLHYDPNKRISAKAALAHPFFQDVTKPVPHLRL
;
A,C
2 'polypeptide(L)'
;VPDYHEDIHTYLREMEVKCKPKVGYMKKQPDITNSMRAILVDWLVEVGEEYKLQNETLHLAVNYIDRFLSSMSVLRGKLQ
LVGTAAMLLASKFEEIYPPEVAEFVYITDDTYTKKQVLRMEHLVLKVLTFDLAAPTVNQFLTQYFLHQQPANCKVESLAM
FLGELSLIDADPYLKYLPSVIAGAAFHLALYTVTGQSWPESLIRKTGYTLESLKPCLMDLHQTYLKAPQHAQQSIREKYK
NSKYHGVSLLNPPETLNL
;
B,D
#
loop_
_chem_comp.id
_chem_comp.type
_chem_comp.name
_chem_comp.formula
DTT non-polymer 2,3-DIHYDROXY-1,4-DITHIOBUTANE 'C4 H10 O2 S2'
JYM non-polymer 6-(cyclohexylmethoxy)-8-(trifluoromethyl)-9H-purin-2-amine 'C13 H16 F3 N5 O'
#
# COMPACT_ATOMS: atom_id res chain seq x y z
N PRO A 2 -48.31 8.52 21.11
CA PRO A 2 -48.46 8.19 22.56
C PRO A 2 -48.28 9.37 23.55
N GLY A 3 -47.44 10.36 23.20
CA GLY A 3 -46.84 11.30 24.18
C GLY A 3 -47.64 12.30 25.01
N SER A 4 -47.64 12.10 26.31
CA SER A 4 -48.31 13.00 27.28
C SER A 4 -47.39 13.28 28.49
N MET A 5 -47.06 14.56 28.80
CA MET A 5 -46.18 14.87 29.98
C MET A 5 -46.75 14.47 31.35
N GLU A 6 -48.08 14.34 31.37
CA GLU A 6 -48.77 13.89 32.57
C GLU A 6 -48.25 12.54 33.06
N ASN A 7 -47.92 11.62 32.16
CA ASN A 7 -47.50 10.30 32.60
C ASN A 7 -46.07 10.20 33.09
N PHE A 8 -45.28 11.24 32.94
CA PHE A 8 -43.93 11.25 33.45
C PHE A 8 -43.76 11.92 34.82
N GLN A 9 -43.05 11.24 35.69
CA GLN A 9 -42.68 11.75 37.01
C GLN A 9 -41.18 12.09 36.91
N LYS A 10 -40.87 13.35 37.19
CA LYS A 10 -39.46 13.80 37.22
C LYS A 10 -38.74 13.08 38.37
N VAL A 11 -37.56 12.54 38.13
CA VAL A 11 -36.82 11.85 39.18
C VAL A 11 -35.67 12.76 39.58
N GLU A 12 -34.91 13.22 38.61
CA GLU A 12 -33.86 14.21 38.87
C GLU A 12 -33.42 14.88 37.57
N LYS A 13 -32.98 16.13 37.68
CA LYS A 13 -32.26 16.81 36.60
C LYS A 13 -30.88 16.15 36.52
N ILE A 14 -30.49 15.67 35.35
CA ILE A 14 -29.17 15.07 35.14
C ILE A 14 -28.06 16.12 34.86
N GLY A 15 -28.37 17.18 34.11
CA GLY A 15 -27.40 18.19 33.63
C GLY A 15 -27.71 18.58 32.20
N GLU A 16 -27.04 19.60 31.68
CA GLU A 16 -27.28 20.16 30.31
C GLU A 16 -26.20 19.83 29.33
N GLY A 17 -26.58 19.63 28.07
CA GLY A 17 -25.64 19.21 27.01
C GLY A 17 -25.41 20.23 25.87
N THR A 18 -25.39 19.83 24.58
CA THR A 18 -25.41 20.79 23.39
C THR A 18 -26.51 21.87 23.64
N TYR A 19 -27.71 21.41 23.96
CA TYR A 19 -28.83 22.34 24.14
C TYR A 19 -29.87 21.75 25.06
N GLY A 20 -30.75 22.61 25.55
CA GLY A 20 -31.76 22.22 26.53
C GLY A 20 -31.24 21.58 27.82
N VAL A 21 -32.08 20.75 28.43
CA VAL A 21 -31.91 20.22 29.81
C VAL A 21 -32.19 18.74 29.76
N VAL A 22 -31.28 17.85 30.20
CA VAL A 22 -31.58 16.40 30.32
C VAL A 22 -32.02 16.00 31.76
N TYR A 23 -33.24 15.45 31.88
CA TYR A 23 -33.76 14.89 33.18
C TYR A 23 -33.94 13.39 33.10
N LYS A 24 -33.81 12.73 34.24
CA LYS A 24 -34.25 11.36 34.42
C LYS A 24 -35.70 11.47 34.87
N ALA A 25 -36.54 10.64 34.28
CA ALA A 25 -37.95 10.59 34.62
C ALA A 25 -38.46 9.17 34.48
N ARG A 26 -39.62 8.90 35.06
CA ARG A 26 -40.24 7.61 34.82
C ARG A 26 -41.68 7.73 34.36
N ASN A 27 -42.04 6.79 33.50
CA ASN A 27 -43.41 6.62 33.08
C ASN A 27 -44.17 5.93 34.23
N LYS A 28 -45.14 6.66 34.75
CA LYS A 28 -45.91 6.28 35.89
C LYS A 28 -46.71 5.02 35.63
N LEU A 29 -47.14 4.90 34.38
CA LEU A 29 -47.98 3.78 33.98
C LEU A 29 -47.22 2.52 33.58
N THR A 30 -46.10 2.65 32.91
CA THR A 30 -45.41 1.47 32.39
C THR A 30 -44.19 1.10 33.18
N GLY A 31 -43.74 2.02 34.03
CA GLY A 31 -42.50 1.85 34.84
C GLY A 31 -41.23 2.26 34.13
N GLU A 32 -41.33 2.46 32.83
CA GLU A 32 -40.17 2.82 32.02
C GLU A 32 -39.43 4.07 32.54
N VAL A 33 -38.11 3.95 32.68
CA VAL A 33 -37.23 5.04 33.06
C VAL A 33 -36.79 5.67 31.75
N VAL A 34 -36.88 7.00 31.68
CA VAL A 34 -36.53 7.69 30.49
C VAL A 34 -35.58 8.84 30.73
N ALA A 35 -34.95 9.31 29.68
CA ALA A 35 -34.22 10.59 29.76
C ALA A 35 -35.04 11.58 28.95
N LEU A 36 -35.33 12.72 29.55
CA LEU A 36 -36.11 13.77 28.85
C LEU A 36 -35.18 14.93 28.54
N LYS A 37 -35.21 15.41 27.28
CA LYS A 37 -34.47 16.61 26.95
C LYS A 37 -35.53 17.68 26.70
N LYS A 38 -35.51 18.70 27.52
CA LYS A 38 -36.41 19.82 27.41
C LYS A 38 -35.81 20.91 26.47
N ILE A 39 -36.68 21.44 25.63
CA ILE A 39 -36.34 22.64 24.85
C ILE A 39 -37.40 23.71 24.97
N ARG A 40 -37.01 24.86 25.51
CA ARG A 40 -37.90 26.03 25.61
C ARG A 40 -37.96 26.69 24.23
N LEU A 41 -39.16 27.09 23.87
CA LEU A 41 -39.37 27.77 22.57
C LEU A 41 -39.84 29.22 22.80
N THR A 45 -35.94 34.25 19.53
CA THR A 45 -36.52 33.06 18.94
C THR A 45 -36.39 33.03 17.40
N GLU A 46 -35.56 32.11 16.92
CA GLU A 46 -35.66 31.64 15.53
C GLU A 46 -36.59 30.41 15.34
N GLY A 47 -37.54 30.20 16.26
CA GLY A 47 -38.39 29.03 16.27
C GLY A 47 -37.71 27.78 16.78
N VAL A 48 -38.06 26.64 16.21
CA VAL A 48 -37.40 25.37 16.59
C VAL A 48 -35.96 25.38 16.08
N PRO A 49 -34.98 25.17 16.96
CA PRO A 49 -33.56 25.25 16.57
C PRO A 49 -33.16 24.19 15.59
N SER A 50 -32.27 24.54 14.66
CA SER A 50 -31.80 23.56 13.68
C SER A 50 -31.16 22.35 14.32
N THR A 51 -30.57 22.52 15.50
CA THR A 51 -29.93 21.40 16.15
C THR A 51 -30.98 20.34 16.54
N ALA A 52 -32.16 20.81 16.96
CA ALA A 52 -33.27 19.95 17.32
C ALA A 52 -33.92 19.35 16.10
N ILE A 53 -34.17 20.17 15.10
CA ILE A 53 -34.67 19.70 13.83
C ILE A 53 -33.80 18.57 13.32
N ARG A 54 -32.48 18.72 13.34
CA ARG A 54 -31.61 17.66 12.86
C ARG A 54 -31.60 16.45 13.80
N GLU A 55 -31.43 16.67 15.11
CA GLU A 55 -31.37 15.55 16.04
C GLU A 55 -32.62 14.66 15.92
N ILE A 56 -33.80 15.28 15.87
CA ILE A 56 -35.01 14.56 15.78
C ILE A 56 -35.21 13.83 14.47
N SER A 57 -35.16 14.55 13.35
CA SER A 57 -35.30 13.89 12.03
C SER A 57 -34.32 12.74 11.82
N LEU A 58 -33.09 12.90 12.27
CA LEU A 58 -32.10 11.87 12.09
C LEU A 58 -32.21 10.74 13.05
N LEU A 59 -32.48 11.05 14.31
CA LEU A 59 -32.63 9.96 15.28
C LEU A 59 -33.87 9.13 15.03
N LYS A 60 -34.90 9.68 14.42
CA LYS A 60 -36.11 8.89 14.12
C LYS A 60 -35.77 7.80 13.13
N GLU A 61 -34.82 8.08 12.25
CA GLU A 61 -34.36 7.10 11.28
C GLU A 61 -33.30 6.16 11.85
N LEU A 62 -32.61 6.49 12.92
CA LEU A 62 -31.56 5.62 13.35
C LEU A 62 -32.03 4.68 14.45
N ASN A 63 -32.78 3.65 14.10
CA ASN A 63 -33.03 2.59 15.06
C ASN A 63 -32.02 1.47 15.10
N HIS A 64 -31.26 1.39 16.20
CA HIS A 64 -30.12 0.47 16.25
C HIS A 64 -29.79 0.21 17.72
N PRO A 65 -29.41 -1.02 18.03
CA PRO A 65 -29.11 -1.22 19.48
C PRO A 65 -27.94 -0.38 20.06
N ASN A 66 -27.06 0.17 19.21
CA ASN A 66 -25.96 0.99 19.74
C ASN A 66 -26.09 2.48 19.42
N ILE A 67 -27.32 2.90 19.11
CA ILE A 67 -27.70 4.28 18.97
C ILE A 67 -28.82 4.55 19.98
N VAL A 68 -28.68 5.59 20.80
CA VAL A 68 -29.67 5.95 21.77
C VAL A 68 -31.04 6.10 21.09
N LYS A 69 -32.05 5.43 21.65
CA LYS A 69 -33.37 5.34 21.03
C LYS A 69 -34.23 6.54 21.39
N LEU A 70 -34.72 7.22 20.36
CA LEU A 70 -35.62 8.31 20.59
C LEU A 70 -37.01 7.68 20.61
N LEU A 71 -37.67 7.81 21.77
CA LEU A 71 -38.90 7.13 22.04
C LEU A 71 -40.13 7.94 21.64
N ASP A 72 -40.05 9.28 21.79
CA ASP A 72 -41.19 10.11 21.51
C ASP A 72 -40.75 11.56 21.46
N VAL A 73 -41.60 12.40 20.89
CA VAL A 73 -41.36 13.84 20.88
C VAL A 73 -42.69 14.47 21.30
N ILE A 74 -42.68 15.23 22.38
CA ILE A 74 -43.90 15.80 22.94
C ILE A 74 -43.83 17.29 22.73
N HIS A 75 -44.82 17.78 22.00
CA HIS A 75 -44.60 18.98 21.19
C HIS A 75 -45.60 20.01 21.40
N THR A 76 -45.42 20.84 22.44
CA THR A 76 -46.30 22.03 22.66
C THR A 76 -45.85 23.26 21.82
N GLU A 77 -46.51 24.40 22.05
CA GLU A 77 -46.10 25.67 21.37
C GLU A 77 -45.08 26.38 22.26
N ASN A 78 -45.28 26.17 23.59
CA ASN A 78 -44.34 26.57 24.68
C ASN A 78 -43.07 25.72 24.86
N LYS A 79 -43.17 24.42 24.67
CA LYS A 79 -42.07 23.51 24.97
C LYS A 79 -42.01 22.34 24.00
N LEU A 80 -40.82 21.81 23.79
CA LEU A 80 -40.67 20.57 23.03
C LEU A 80 -39.85 19.61 23.88
N TYR A 81 -40.38 18.42 24.13
CA TYR A 81 -39.67 17.40 24.91
C TYR A 81 -39.27 16.24 24.09
N LEU A 82 -38.02 15.84 24.18
CA LEU A 82 -37.52 14.65 23.56
C LEU A 82 -37.39 13.50 24.57
N VAL A 83 -38.08 12.40 24.31
CA VAL A 83 -38.06 11.24 25.19
C VAL A 83 -37.12 10.17 24.66
N PHE A 84 -36.08 9.89 25.44
CA PHE A 84 -35.09 8.91 25.09
C PHE A 84 -35.07 7.78 26.08
N GLU A 85 -34.62 6.61 25.65
CA GLU A 85 -34.30 5.51 26.57
C GLU A 85 -33.28 6.05 27.58
N PHE A 86 -33.38 5.58 28.82
CA PHE A 86 -32.46 6.05 29.88
C PHE A 86 -31.21 5.21 29.95
N LEU A 87 -30.07 5.84 29.85
CA LEU A 87 -28.82 5.11 30.02
C LEU A 87 -28.09 5.75 31.18
N HIS A 88 -27.47 4.87 31.98
N HIS A 88 -27.49 4.87 32.00
CA HIS A 88 -27.03 5.14 33.35
CA HIS A 88 -27.02 5.07 33.39
C HIS A 88 -25.88 6.10 33.49
C HIS A 88 -25.89 6.09 33.49
N GLN A 89 -24.85 5.94 32.68
CA GLN A 89 -23.83 6.95 32.68
C GLN A 89 -23.10 7.07 31.36
N ASP A 90 -22.26 8.07 31.26
CA ASP A 90 -21.48 8.28 30.07
C ASP A 90 -20.06 7.70 30.25
N LEU A 91 -19.35 7.48 29.16
CA LEU A 91 -18.06 6.83 29.18
C LEU A 91 -16.99 7.63 29.88
N LYS A 92 -17.05 8.96 29.78
CA LYS A 92 -16.14 9.87 30.50
C LYS A 92 -16.27 9.61 31.98
N LYS A 93 -17.47 9.70 32.51
CA LYS A 93 -17.74 9.36 33.92
C LYS A 93 -17.24 7.94 34.28
N PHE A 94 -17.48 6.99 33.38
CA PHE A 94 -17.09 5.62 33.66
C PHE A 94 -15.60 5.48 33.75
N MET A 95 -14.88 6.11 32.85
CA MET A 95 -13.42 6.06 32.93
C MET A 95 -12.83 6.74 34.16
N ASP A 96 -13.45 7.82 34.63
CA ASP A 96 -13.00 8.48 35.87
C ASP A 96 -13.13 7.54 37.07
N ALA A 97 -14.26 6.83 37.19
CA ALA A 97 -14.47 5.86 38.26
C ALA A 97 -13.66 4.56 38.16
N SER A 98 -13.28 4.21 36.94
CA SER A 98 -12.45 2.99 36.66
C SER A 98 -10.96 3.36 36.65
N ALA A 99 -10.63 4.47 37.34
CA ALA A 99 -9.23 4.86 37.46
C ALA A 99 -8.42 3.76 38.22
N LEU A 100 -8.99 3.15 39.26
CA LEU A 100 -8.26 2.15 40.05
C LEU A 100 -8.12 0.84 39.29
N THR A 101 -9.20 0.32 38.73
CA THR A 101 -9.01 -0.82 37.78
C THR A 101 -8.14 -0.37 36.58
N GLY A 102 -8.70 0.55 35.80
CA GLY A 102 -8.46 0.62 34.37
C GLY A 102 -9.57 -0.22 33.72
N ILE A 103 -9.89 0.09 32.47
CA ILE A 103 -10.89 -0.70 31.74
C ILE A 103 -10.19 -1.96 31.21
N PRO A 104 -10.64 -3.13 31.67
CA PRO A 104 -10.10 -4.39 31.12
C PRO A 104 -10.29 -4.49 29.60
N LEU A 105 -9.31 -5.08 28.95
CA LEU A 105 -9.30 -5.23 27.49
C LEU A 105 -10.59 -5.85 26.85
N PRO A 106 -11.18 -6.91 27.46
CA PRO A 106 -12.41 -7.47 26.95
C PRO A 106 -13.54 -6.47 26.87
N LEU A 107 -13.59 -5.53 27.82
CA LEU A 107 -14.63 -4.51 27.84
C LEU A 107 -14.32 -3.41 26.84
N ILE A 108 -13.05 -3.07 26.73
CA ILE A 108 -12.62 -2.09 25.72
C ILE A 108 -13.01 -2.60 24.34
N LYS A 109 -12.66 -3.84 24.07
CA LYS A 109 -12.97 -4.49 22.84
C LYS A 109 -14.46 -4.59 22.54
N SER A 110 -15.27 -5.01 23.54
CA SER A 110 -16.75 -5.06 23.41
C SER A 110 -17.29 -3.69 23.08
N TYR A 111 -16.86 -2.70 23.85
CA TYR A 111 -17.32 -1.32 23.66
C TYR A 111 -16.94 -0.83 22.28
N LEU A 112 -15.72 -1.05 21.85
CA LEU A 112 -15.33 -0.58 20.54
C LEU A 112 -16.12 -1.29 19.43
N PHE A 113 -16.33 -2.57 19.60
CA PHE A 113 -17.09 -3.36 18.63
C PHE A 113 -18.51 -2.80 18.51
N GLN A 114 -19.11 -2.49 19.66
CA GLN A 114 -20.43 -1.89 19.69
C GLN A 114 -20.45 -0.48 19.07
N LEU A 115 -19.47 0.31 19.38
CA LEU A 115 -19.44 1.67 18.90
C LEU A 115 -19.33 1.65 17.38
N LEU A 116 -18.53 0.72 16.85
CA LEU A 116 -18.40 0.60 15.40
C LEU A 116 -19.65 0.16 14.70
N GLN A 117 -20.39 -0.74 15.32
CA GLN A 117 -21.67 -1.16 14.80
C GLN A 117 -22.66 0.00 14.68
N GLY A 118 -22.70 0.79 15.73
CA GLY A 118 -23.57 1.95 15.73
C GLY A 118 -23.19 2.97 14.69
N LEU A 119 -21.90 3.20 14.59
CA LEU A 119 -21.40 4.21 13.68
C LEU A 119 -21.56 3.75 12.21
N ALA A 120 -21.26 2.49 11.92
CA ALA A 120 -21.52 1.94 10.58
C ALA A 120 -22.99 2.08 10.19
N PHE A 121 -23.87 1.85 11.16
CA PHE A 121 -25.29 2.06 10.92
C PHE A 121 -25.58 3.54 10.53
N CYS A 122 -25.04 4.50 11.28
CA CYS A 122 -25.18 5.93 10.93
C CYS A 122 -24.68 6.20 9.53
N HIS A 123 -23.48 5.74 9.23
CA HIS A 123 -22.88 6.05 7.96
C HIS A 123 -23.65 5.45 6.77
N SER A 124 -24.12 4.24 6.97
CA SER A 124 -24.99 3.52 6.02
C SER A 124 -26.28 4.23 5.77
N HIS A 125 -26.68 5.05 6.72
CA HIS A 125 -27.86 5.84 6.60
C HIS A 125 -27.59 7.33 6.40
N ARG A 126 -26.49 7.59 5.72
CA ARG A 126 -26.05 8.93 5.38
C ARG A 126 -26.08 9.95 6.51
N VAL A 127 -25.65 9.54 7.69
CA VAL A 127 -25.57 10.46 8.84
C VAL A 127 -24.15 10.52 9.35
N LEU A 128 -23.63 11.76 9.49
CA LEU A 128 -22.32 11.98 10.16
C LEU A 128 -22.70 12.45 11.57
N HIS A 129 -22.00 11.92 12.55
CA HIS A 129 -22.27 12.31 13.92
C HIS A 129 -21.57 13.65 14.26
N ARG A 130 -20.25 13.69 14.09
CA ARG A 130 -19.43 14.90 14.21
C ARG A 130 -19.18 15.40 15.64
N ASP A 131 -19.46 14.59 16.65
CA ASP A 131 -19.08 14.93 18.00
C ASP A 131 -18.93 13.72 18.87
N LEU A 132 -18.27 12.73 18.34
CA LEU A 132 -17.95 11.55 19.13
C LEU A 132 -16.83 11.88 20.14
N LYS A 133 -17.12 11.68 21.42
CA LYS A 133 -16.23 11.84 22.53
C LYS A 133 -16.83 11.03 23.68
N PRO A 134 -16.04 10.71 24.70
CA PRO A 134 -16.53 9.86 25.77
C PRO A 134 -17.83 10.36 26.43
N GLN A 135 -17.97 11.65 26.64
N GLN A 135 -17.97 11.66 26.67
CA GLN A 135 -19.17 12.25 27.22
CA GLN A 135 -19.17 12.30 27.20
C GLN A 135 -20.47 11.99 26.45
C GLN A 135 -20.46 12.00 26.44
N ASN A 136 -20.37 11.71 25.15
CA ASN A 136 -21.53 11.47 24.29
C ASN A 136 -21.74 9.96 24.01
N LEU A 137 -21.03 9.08 24.72
CA LEU A 137 -21.19 7.66 24.60
C LEU A 137 -21.74 7.12 25.91
N LEU A 138 -22.93 6.54 25.84
CA LEU A 138 -23.67 6.21 27.04
C LEU A 138 -23.74 4.70 27.27
N ILE A 139 -23.59 4.30 28.53
CA ILE A 139 -23.48 2.92 28.91
C ILE A 139 -24.59 2.56 29.85
N ASN A 140 -25.00 1.29 29.80
CA ASN A 140 -26.04 0.81 30.71
C ASN A 140 -25.49 -0.26 31.64
N THR A 141 -26.35 -0.86 32.44
CA THR A 141 -25.91 -1.85 33.39
C THR A 141 -25.90 -3.24 32.80
N GLU A 142 -26.23 -3.37 31.51
CA GLU A 142 -26.20 -4.67 30.84
C GLU A 142 -25.06 -4.80 29.83
N GLY A 143 -24.03 -3.97 29.93
CA GLY A 143 -22.84 -4.10 29.07
C GLY A 143 -22.90 -3.42 27.70
N ALA A 144 -23.98 -2.71 27.46
CA ALA A 144 -24.14 -1.97 26.24
C ALA A 144 -23.52 -0.56 26.31
N ILE A 145 -23.03 -0.11 25.14
CA ILE A 145 -22.67 1.29 24.91
C ILE A 145 -23.37 1.78 23.65
N LYS A 146 -23.80 3.03 23.69
CA LYS A 146 -24.55 3.63 22.61
C LYS A 146 -24.10 5.06 22.27
N LEU A 147 -24.21 5.41 20.98
CA LEU A 147 -23.90 6.74 20.50
C LEU A 147 -25.05 7.64 20.87
N ALA A 148 -24.73 8.84 21.34
CA ALA A 148 -25.80 9.77 21.73
C ALA A 148 -25.41 11.20 21.37
N ASP A 149 -26.33 12.12 21.60
CA ASP A 149 -26.23 13.51 21.24
C ASP A 149 -25.89 13.73 19.76
N PHE A 150 -26.92 13.69 18.95
CA PHE A 150 -26.90 13.91 17.54
C PHE A 150 -27.21 15.35 17.21
N GLY A 151 -27.13 16.21 18.20
CA GLY A 151 -27.29 17.67 17.96
C GLY A 151 -26.32 18.30 16.93
N LEU A 152 -25.15 17.70 16.76
CA LEU A 152 -24.19 18.23 15.84
C LEU A 152 -24.13 17.44 14.52
N ALA A 153 -25.06 16.50 14.36
CA ALA A 153 -25.05 15.54 13.27
C ALA A 153 -25.62 16.14 12.03
N ARG A 154 -25.42 15.48 10.90
CA ARG A 154 -26.08 15.92 9.68
C ARG A 154 -26.25 14.86 8.62
N ALA A 155 -27.30 15.02 7.84
CA ALA A 155 -27.50 14.11 6.71
C ALA A 155 -26.60 14.52 5.56
N PHE A 156 -25.80 13.60 5.04
CA PHE A 156 -24.84 13.92 3.97
C PHE A 156 -25.25 13.32 2.66
N GLY A 157 -24.63 13.79 1.61
CA GLY A 157 -24.98 13.40 0.23
C GLY A 157 -23.79 12.71 -0.40
N VAL A 158 -24.01 12.08 -1.57
CA VAL A 158 -22.94 11.32 -2.20
C VAL A 158 -22.73 11.88 -3.59
N PRO A 159 -21.54 12.51 -3.88
CA PRO A 159 -20.44 12.76 -2.98
C PRO A 159 -20.78 13.93 -2.05
N VAL A 160 -20.04 14.11 -0.96
CA VAL A 160 -20.35 15.20 -0.01
C VAL A 160 -20.13 16.55 -0.64
N ARG A 161 -20.77 17.58 -0.12
CA ARG A 161 -20.31 18.92 -0.45
C ARG A 161 -19.69 19.52 0.81
N THR A 162 -19.29 20.78 0.74
CA THR A 162 -18.72 21.46 1.90
C THR A 162 -19.77 21.64 3.01
N TYR A 163 -19.46 21.13 4.19
CA TYR A 163 -20.34 21.25 5.36
C TYR A 163 -19.73 22.22 6.38
N TPO A 164 -20.36 22.34 7.55
CA TPO A 164 -19.87 23.20 8.62
CB TPO A 164 -20.83 23.14 9.81
CG2 TPO A 164 -20.45 24.08 10.98
OG1 TPO A 164 -22.13 23.45 9.31
P TPO A 164 -23.28 22.36 9.27
O1P TPO A 164 -24.47 23.07 8.69
O2P TPO A 164 -22.72 21.22 8.45
O3P TPO A 164 -23.48 21.93 10.73
C TPO A 164 -18.46 22.86 9.02
O TPO A 164 -18.13 21.72 9.25
N HIS A 165 -17.62 23.88 9.14
CA HIS A 165 -16.22 23.68 9.44
C HIS A 165 -15.98 23.52 10.94
N GLU A 166 -16.79 24.24 11.71
CA GLU A 166 -16.58 24.41 13.14
C GLU A 166 -17.10 23.15 13.81
N VAL A 167 -16.32 22.06 13.67
CA VAL A 167 -16.92 20.73 13.96
C VAL A 167 -15.97 19.73 14.67
N VAL A 168 -16.56 18.93 15.56
CA VAL A 168 -15.93 17.96 16.42
C VAL A 168 -15.18 18.68 17.55
N THR A 169 -15.38 18.26 18.79
CA THR A 169 -14.59 18.73 19.92
C THR A 169 -13.11 18.59 19.60
N LEU A 170 -12.32 19.55 19.99
CA LEU A 170 -10.94 19.67 19.50
C LEU A 170 -10.09 18.45 19.61
N TRP A 171 -10.06 17.84 20.78
CA TRP A 171 -9.24 16.67 21.03
C TRP A 171 -9.49 15.46 20.14
N TYR A 172 -10.72 15.37 19.63
CA TYR A 172 -11.18 14.27 18.84
C TYR A 172 -11.31 14.65 17.34
N ARG A 173 -10.79 15.83 17.01
CA ARG A 173 -10.99 16.38 15.67
C ARG A 173 -9.93 15.90 14.68
N ALA A 174 -10.40 15.49 13.51
CA ALA A 174 -9.57 14.92 12.47
C ALA A 174 -8.66 15.95 11.76
N PRO A 175 -7.50 15.50 11.25
CA PRO A 175 -6.56 16.42 10.62
C PRO A 175 -7.15 17.13 9.43
N GLU A 176 -7.95 16.46 8.67
CA GLU A 176 -8.55 17.07 7.47
C GLU A 176 -9.44 18.29 7.78
N ILE A 177 -10.03 18.28 8.98
CA ILE A 177 -10.81 19.43 9.47
C ILE A 177 -9.87 20.55 9.95
N LEU A 178 -8.87 20.20 10.76
CA LEU A 178 -7.90 21.11 11.27
C LEU A 178 -7.25 21.83 10.08
N LEU A 179 -6.96 21.08 9.00
CA LEU A 179 -6.26 21.63 7.83
C LEU A 179 -7.14 22.39 6.85
N GLY A 180 -8.45 22.45 7.17
CA GLY A 180 -9.40 23.31 6.41
C GLY A 180 -9.83 22.72 5.07
N CYS A 181 -9.78 21.39 4.96
CA CYS A 181 -10.18 20.67 3.75
C CYS A 181 -11.56 21.08 3.31
N LYS A 182 -11.75 21.21 2.02
CA LYS A 182 -13.04 21.66 1.56
C LYS A 182 -14.17 20.64 1.78
N TYR A 183 -13.78 19.36 1.81
CA TYR A 183 -14.62 18.22 1.95
C TYR A 183 -14.13 17.34 3.09
N TYR A 184 -15.05 16.91 3.92
CA TYR A 184 -14.82 15.85 4.86
C TYR A 184 -16.07 14.98 4.92
N SER A 185 -15.90 13.75 5.37
CA SER A 185 -16.99 12.79 5.40
C SER A 185 -16.84 11.86 6.61
N THR A 186 -17.22 10.60 6.40
CA THR A 186 -17.41 9.63 7.44
C THR A 186 -16.15 9.34 8.20
N ALA A 187 -15.00 9.50 7.52
CA ALA A 187 -13.67 9.34 8.10
C ALA A 187 -13.51 10.19 9.36
N VAL A 188 -14.17 11.34 9.46
CA VAL A 188 -14.04 12.15 10.68
C VAL A 188 -14.53 11.48 11.94
N ASP A 189 -15.62 10.74 11.81
CA ASP A 189 -16.14 9.96 12.95
C ASP A 189 -15.21 8.81 13.33
N ILE A 190 -14.58 8.19 12.36
CA ILE A 190 -13.64 7.11 12.63
C ILE A 190 -12.41 7.59 13.39
N TRP A 191 -11.93 8.76 13.02
CA TRP A 191 -10.81 9.42 13.69
C TRP A 191 -11.22 9.57 15.17
N SER A 192 -12.35 10.18 15.42
CA SER A 192 -12.78 10.37 16.80
C SER A 192 -12.82 9.08 17.60
N LEU A 193 -13.26 8.01 16.97
CA LEU A 193 -13.36 6.74 17.61
C LEU A 193 -11.98 6.13 17.87
N GLY A 194 -11.03 6.39 16.96
CA GLY A 194 -9.65 5.95 17.17
C GLY A 194 -9.09 6.63 18.41
N CYS A 195 -9.31 7.95 18.51
CA CYS A 195 -8.91 8.67 19.70
C CYS A 195 -9.50 8.07 20.98
N ILE A 196 -10.76 7.68 20.92
CA ILE A 196 -11.47 7.11 22.07
C ILE A 196 -10.98 5.73 22.43
N PHE A 197 -10.67 4.93 21.42
CA PHE A 197 -10.09 3.62 21.61
C PHE A 197 -8.76 3.78 22.40
N ALA A 198 -7.89 4.65 21.93
CA ALA A 198 -6.63 4.88 22.66
C ALA A 198 -6.88 5.34 24.09
N GLU A 199 -7.87 6.19 24.24
CA GLU A 199 -8.21 6.77 25.52
C GLU A 199 -8.75 5.73 26.52
N MET A 200 -9.48 4.74 26.04
CA MET A 200 -9.99 3.67 26.89
C MET A 200 -8.85 2.85 27.42
N VAL A 201 -7.80 2.70 26.63
CA VAL A 201 -6.62 1.88 27.00
C VAL A 201 -5.74 2.59 28.01
N THR A 202 -5.35 3.82 27.68
CA THR A 202 -4.47 4.65 28.53
C THR A 202 -5.23 5.42 29.63
N ARG A 203 -6.53 5.54 29.51
CA ARG A 203 -7.40 6.42 30.34
C ARG A 203 -6.96 7.90 30.33
N ARG A 204 -6.40 8.31 29.20
CA ARG A 204 -5.91 9.71 28.99
C ARG A 204 -6.24 10.03 27.55
N ALA A 205 -6.57 11.27 27.31
CA ALA A 205 -6.79 11.73 25.99
C ALA A 205 -5.51 11.56 25.16
N LEU A 206 -5.69 11.07 23.95
CA LEU A 206 -4.55 10.80 23.04
C LEU A 206 -3.92 12.10 22.58
N PHE A 207 -4.73 13.09 22.20
CA PHE A 207 -4.29 14.36 21.66
C PHE A 207 -4.98 15.52 22.38
N PRO A 208 -4.58 15.86 23.61
CA PRO A 208 -5.23 16.94 24.32
C PRO A 208 -4.71 18.36 23.97
N GLY A 209 -4.95 18.78 22.75
CA GLY A 209 -4.56 20.12 22.30
C GLY A 209 -5.27 21.29 22.98
N ASP A 210 -4.58 22.42 23.09
CA ASP A 210 -5.15 23.67 23.57
C ASP A 210 -5.70 24.61 22.49
N SER A 211 -5.33 24.37 21.24
CA SER A 211 -5.66 25.26 20.16
C SER A 211 -5.55 24.44 18.96
N GLU A 212 -5.99 24.95 17.83
CA GLU A 212 -5.91 24.19 16.56
C GLU A 212 -4.48 23.76 16.21
N ILE A 213 -3.55 24.71 16.26
CA ILE A 213 -2.16 24.47 15.90
C ILE A 213 -1.51 23.50 16.89
N ASP A 214 -1.85 23.62 18.16
CA ASP A 214 -1.37 22.72 19.20
C ASP A 214 -1.88 21.33 18.92
N GLN A 215 -3.15 21.23 18.53
CA GLN A 215 -3.75 19.95 18.27
C GLN A 215 -3.03 19.26 17.11
N LEU A 216 -2.82 19.99 16.00
CA LEU A 216 -2.12 19.45 14.84
C LEU A 216 -0.72 18.94 15.19
N PHE A 217 0.01 19.78 15.93
CA PHE A 217 1.37 19.46 16.27
C PHE A 217 1.47 18.24 17.17
N ARG A 218 0.47 18.08 18.04
CA ARG A 218 0.34 16.88 18.88
C ARG A 218 0.15 15.60 18.08
N ILE A 219 -0.72 15.69 17.11
CA ILE A 219 -0.98 14.63 16.15
C ILE A 219 0.29 14.30 15.29
N PHE A 220 0.91 15.32 14.72
CA PHE A 220 2.19 15.16 14.02
C PHE A 220 3.28 14.51 14.85
N ARG A 221 3.49 14.95 16.10
CA ARG A 221 4.54 14.38 16.95
C ARG A 221 4.32 12.91 17.23
N THR A 222 3.06 12.46 17.11
CA THR A 222 2.71 11.10 17.37
C THR A 222 2.72 10.23 16.11
N LEU A 223 2.17 10.75 15.01
CA LEU A 223 2.00 9.99 13.83
C LEU A 223 2.94 10.37 12.71
N GLY A 224 3.81 11.33 12.97
CA GLY A 224 4.77 11.89 12.02
C GLY A 224 4.13 13.05 11.29
N THR A 225 4.91 14.04 10.85
CA THR A 225 4.32 15.09 10.04
C THR A 225 3.99 14.49 8.66
N PRO A 226 2.74 14.67 8.19
CA PRO A 226 2.42 14.04 6.92
C PRO A 226 3.04 14.80 5.72
N ASP A 227 3.47 14.05 4.72
CA ASP A 227 3.95 14.61 3.47
C ASP A 227 3.09 14.02 2.33
N GLU A 228 3.46 14.37 1.08
CA GLU A 228 2.76 13.89 -0.12
C GLU A 228 2.76 12.36 -0.29
N VAL A 229 3.76 11.69 0.29
CA VAL A 229 3.83 10.25 0.21
C VAL A 229 2.71 9.62 1.07
N VAL A 230 2.66 10.02 2.35
CA VAL A 230 1.65 9.38 3.21
C VAL A 230 0.24 9.93 2.94
N TRP A 231 0.15 11.13 2.42
CA TRP A 231 -1.14 11.76 2.20
C TRP A 231 -1.11 12.69 0.99
N PRO A 232 -1.33 12.12 -0.20
CA PRO A 232 -1.30 12.94 -1.42
C PRO A 232 -2.29 14.11 -1.28
N GLY A 233 -1.79 15.30 -1.52
CA GLY A 233 -2.62 16.52 -1.42
C GLY A 233 -2.35 17.33 -0.16
N VAL A 234 -1.68 16.78 0.85
CA VAL A 234 -1.63 17.56 2.12
C VAL A 234 -1.09 18.93 1.91
N THR A 235 0.06 19.00 1.23
CA THR A 235 0.83 20.24 1.17
C THR A 235 0.12 21.35 0.40
N SER A 236 -0.95 21.03 -0.28
CA SER A 236 -1.75 22.12 -0.82
C SER A 236 -3.06 22.33 -0.05
N MET A 237 -3.26 21.63 1.06
CA MET A 237 -4.47 21.90 1.85
C MET A 237 -4.47 23.32 2.38
N PRO A 238 -5.65 23.95 2.54
CA PRO A 238 -5.71 25.39 2.87
C PRO A 238 -4.93 25.89 4.09
N ASP A 239 -4.87 25.08 5.15
CA ASP A 239 -4.23 25.51 6.38
C ASP A 239 -2.97 24.75 6.64
N TYR A 240 -2.47 24.08 5.60
CA TYR A 240 -1.18 23.46 5.66
C TYR A 240 -0.15 24.56 5.57
N LYS A 241 0.97 24.43 6.27
CA LYS A 241 2.03 25.43 6.20
C LYS A 241 3.34 24.73 5.98
N PRO A 242 4.14 25.19 5.02
CA PRO A 242 5.45 24.59 4.77
C PRO A 242 6.40 24.72 5.99
N SER A 243 6.15 25.66 6.89
CA SER A 243 6.97 25.80 8.07
C SER A 243 6.64 24.77 9.19
N PHE A 244 5.61 23.93 9.05
CA PHE A 244 5.36 22.84 9.95
C PHE A 244 6.59 22.03 10.27
N PRO A 245 6.87 21.82 11.57
CA PRO A 245 8.04 21.02 11.94
C PRO A 245 7.82 19.65 11.38
N LYS A 246 8.89 18.90 11.10
CA LYS A 246 8.76 17.61 10.45
C LYS A 246 9.16 16.55 11.46
N TRP A 247 8.20 15.99 12.17
CA TRP A 247 8.48 14.96 13.14
C TRP A 247 8.47 13.57 12.50
N ALA A 248 9.33 12.69 12.97
CA ALA A 248 9.26 11.27 12.61
C ALA A 248 8.03 10.66 13.23
N ARG A 249 7.49 9.67 12.53
CA ARG A 249 6.45 8.88 13.04
C ARG A 249 6.98 7.95 14.12
N GLN A 250 6.18 7.81 15.18
CA GLN A 250 6.53 6.89 16.28
C GLN A 250 5.98 5.54 15.95
N ASP A 251 6.77 4.55 16.36
CA ASP A 251 6.35 3.14 16.45
C ASP A 251 5.16 3.07 17.39
N PHE A 252 4.09 2.43 16.89
CA PHE A 252 2.81 2.48 17.51
C PHE A 252 2.71 1.75 18.83
N SER A 253 3.67 0.84 19.02
CA SER A 253 3.69 0.14 20.25
C SER A 253 3.92 1.18 21.34
N LYS A 254 4.49 2.33 21.00
CA LYS A 254 4.80 3.34 22.00
C LYS A 254 3.59 4.26 22.16
N VAL A 255 2.73 4.34 21.16
CA VAL A 255 1.62 5.24 21.28
C VAL A 255 0.63 4.74 22.37
N VAL A 256 0.31 3.45 22.34
CA VAL A 256 -0.59 2.85 23.33
C VAL A 256 0.03 1.53 23.72
N PRO A 257 0.97 1.58 24.68
CA PRO A 257 1.81 0.46 25.01
C PRO A 257 1.12 -0.83 25.39
N PRO A 258 0.04 -0.82 26.20
CA PRO A 258 -0.64 -2.07 26.53
C PRO A 258 -1.23 -2.85 25.36
N LEU A 259 -1.30 -2.26 24.19
CA LEU A 259 -2.00 -2.87 23.08
C LEU A 259 -1.20 -3.98 22.41
N ASP A 260 -1.88 -5.06 22.11
CA ASP A 260 -1.33 -6.23 21.39
C ASP A 260 -1.23 -5.84 19.89
N GLU A 261 -0.68 -6.72 19.08
CA GLU A 261 -0.50 -6.42 17.64
C GLU A 261 -1.75 -6.05 16.85
N ASP A 262 -2.81 -6.81 17.07
CA ASP A 262 -4.09 -6.61 16.41
C ASP A 262 -4.70 -5.28 16.76
N GLY A 263 -4.60 -4.96 18.05
CA GLY A 263 -5.06 -3.69 18.55
C GLY A 263 -4.34 -2.57 17.87
N ARG A 264 -3.00 -2.63 17.83
CA ARG A 264 -2.22 -1.58 17.20
C ARG A 264 -2.58 -1.45 15.73
N SER A 265 -2.79 -2.62 15.11
CA SER A 265 -3.16 -2.64 13.69
C SER A 265 -4.45 -1.87 13.46
N LEU A 266 -5.45 -2.21 14.29
CA LEU A 266 -6.70 -1.52 14.12
C LEU A 266 -6.57 -0.05 14.38
N LEU A 267 -5.96 0.30 15.50
CA LEU A 267 -5.82 1.68 15.84
C LEU A 267 -5.13 2.41 14.71
N SER A 268 -4.09 1.81 14.11
CA SER A 268 -3.33 2.53 13.06
C SER A 268 -4.18 2.80 11.82
N GLN A 269 -5.12 1.93 11.58
CA GLN A 269 -6.03 2.12 10.47
C GLN A 269 -7.08 3.14 10.72
N MET A 270 -7.49 3.28 11.97
CA MET A 270 -8.47 4.30 12.35
C MET A 270 -7.85 5.69 12.41
N LEU A 271 -6.54 5.74 12.55
CA LEU A 271 -5.81 7.01 12.57
C LEU A 271 -4.93 7.26 11.31
N HIS A 272 -5.21 6.58 10.20
CA HIS A 272 -4.58 6.87 8.93
C HIS A 272 -4.89 8.31 8.61
N TYR A 273 -3.88 9.04 8.17
CA TYR A 273 -4.04 10.46 7.79
C TYR A 273 -5.00 10.68 6.60
N ASP A 274 -4.75 9.97 5.51
CA ASP A 274 -5.55 10.12 4.31
C ASP A 274 -6.94 9.55 4.62
N PRO A 275 -7.97 10.42 4.59
CA PRO A 275 -9.27 9.91 4.95
C PRO A 275 -9.72 8.82 3.95
N ASN A 276 -9.25 8.87 2.71
CA ASN A 276 -9.60 7.86 1.77
C ASN A 276 -9.08 6.48 2.18
N LYS A 277 -7.92 6.40 2.82
CA LYS A 277 -7.40 5.11 3.30
C LYS A 277 -7.80 4.77 4.73
N ARG A 278 -8.35 5.72 5.47
CA ARG A 278 -8.76 5.46 6.82
C ARG A 278 -9.86 4.39 6.78
N ILE A 279 -9.77 3.40 7.67
CA ILE A 279 -10.72 2.26 7.65
C ILE A 279 -12.16 2.76 7.94
N SER A 280 -13.11 2.22 7.23
CA SER A 280 -14.50 2.45 7.52
C SER A 280 -14.96 1.69 8.82
N ALA A 281 -16.03 2.12 9.45
CA ALA A 281 -16.62 1.36 10.59
C ALA A 281 -17.02 -0.08 10.19
N LYS A 282 -17.65 -0.17 9.05
CA LYS A 282 -18.05 -1.46 8.43
C LYS A 282 -16.87 -2.41 8.32
N ALA A 283 -15.80 -1.94 7.69
CA ALA A 283 -14.58 -2.77 7.54
C ALA A 283 -13.90 -3.14 8.88
N ALA A 284 -13.94 -2.23 9.83
CA ALA A 284 -13.31 -2.47 11.12
C ALA A 284 -13.98 -3.63 11.92
N LEU A 285 -15.25 -3.86 11.67
CA LEU A 285 -15.97 -4.93 12.32
C LEU A 285 -15.37 -6.32 12.08
N ALA A 286 -14.74 -6.53 10.91
CA ALA A 286 -14.09 -7.81 10.60
C ALA A 286 -12.62 -7.78 10.87
N HIS A 287 -12.12 -6.80 11.64
CA HIS A 287 -10.72 -6.78 11.97
C HIS A 287 -10.42 -7.90 13.02
N PRO A 288 -9.28 -8.59 12.87
CA PRO A 288 -8.89 -9.67 13.76
C PRO A 288 -8.85 -9.29 15.26
N PHE A 289 -8.73 -8.03 15.60
CA PHE A 289 -8.85 -7.56 16.95
C PHE A 289 -10.11 -8.13 17.60
N PHE A 290 -11.20 -8.24 16.80
CA PHE A 290 -12.46 -8.66 17.32
C PHE A 290 -12.72 -10.16 17.28
N GLN A 291 -11.74 -10.99 16.98
CA GLN A 291 -11.99 -12.41 16.75
C GLN A 291 -12.57 -13.08 18.00
N ASP A 292 -12.10 -12.65 19.16
CA ASP A 292 -12.54 -13.21 20.43
C ASP A 292 -13.43 -12.25 21.23
N VAL A 293 -14.12 -11.31 20.56
CA VAL A 293 -14.97 -10.38 21.29
C VAL A 293 -16.12 -11.07 22.07
N THR A 294 -16.33 -10.57 23.28
CA THR A 294 -17.43 -10.98 24.15
C THR A 294 -18.16 -9.73 24.58
N LYS A 295 -19.05 -9.87 25.55
CA LYS A 295 -19.80 -8.71 26.08
C LYS A 295 -19.79 -8.68 27.62
N PRO A 296 -18.68 -8.28 28.25
CA PRO A 296 -18.65 -8.18 29.69
C PRO A 296 -19.68 -7.17 30.20
N VAL A 297 -20.25 -7.44 31.35
CA VAL A 297 -21.25 -6.53 31.91
C VAL A 297 -20.55 -5.77 32.98
N PRO A 298 -20.22 -4.47 32.74
CA PRO A 298 -19.33 -3.83 33.63
C PRO A 298 -19.94 -3.53 34.97
N HIS A 299 -19.02 -3.09 35.77
CA HIS A 299 -18.91 -3.53 37.13
C HIS A 299 -20.08 -3.14 38.11
N LEU A 300 -20.68 -1.96 38.13
CA LEU A 300 -20.13 -0.61 38.05
C LEU A 300 -21.34 0.18 37.50
N ARG A 301 -21.55 1.44 37.89
CA ARG A 301 -21.07 2.01 39.16
C ARG A 301 -21.92 1.34 40.18
N ASP B 3 -17.46 1.83 0.98
CA ASP B 3 -17.68 3.25 0.52
C ASP B 3 -19.01 3.77 1.03
N TYR B 4 -19.89 2.85 1.50
CA TYR B 4 -21.29 3.17 1.82
C TYR B 4 -22.18 3.58 0.68
N HIS B 5 -21.65 3.81 -0.52
CA HIS B 5 -22.44 4.35 -1.63
C HIS B 5 -23.64 3.47 -1.92
N GLU B 6 -23.45 2.16 -1.95
CA GLU B 6 -24.55 1.22 -2.26
C GLU B 6 -25.59 1.16 -1.11
N ASP B 7 -25.09 1.08 0.12
CA ASP B 7 -25.97 1.07 1.26
C ASP B 7 -26.84 2.36 1.25
N ILE B 8 -26.19 3.51 0.99
CA ILE B 8 -26.93 4.75 0.97
C ILE B 8 -27.93 4.84 -0.17
N HIS B 9 -27.51 4.46 -1.37
CA HIS B 9 -28.43 4.41 -2.51
C HIS B 9 -29.65 3.54 -2.21
N THR B 10 -29.42 2.35 -1.71
CA THR B 10 -30.48 1.47 -1.27
C THR B 10 -31.39 2.09 -0.26
N TYR B 11 -30.82 2.73 0.74
CA TYR B 11 -31.60 3.32 1.80
C TYR B 11 -32.46 4.45 1.28
N LEU B 12 -31.93 5.28 0.39
CA LEU B 12 -32.68 6.40 -0.13
C LEU B 12 -33.84 5.94 -1.04
N ARG B 13 -33.64 4.80 -1.67
CA ARG B 13 -34.69 4.17 -2.51
C ARG B 13 -35.84 3.72 -1.64
N GLU B 14 -35.56 3.20 -0.48
CA GLU B 14 -36.59 2.91 0.53
C GLU B 14 -37.26 4.18 1.03
N MET B 15 -36.47 5.18 1.41
CA MET B 15 -37.04 6.36 2.00
C MET B 15 -37.84 7.25 1.01
N GLU B 16 -37.47 7.28 -0.28
CA GLU B 16 -38.28 8.08 -1.20
C GLU B 16 -39.69 7.57 -1.34
N VAL B 17 -39.91 6.27 -1.19
CA VAL B 17 -41.22 5.73 -1.26
C VAL B 17 -42.02 6.14 0.00
N LYS B 18 -41.42 6.10 1.17
CA LYS B 18 -42.13 6.57 2.41
C LYS B 18 -42.32 8.09 2.51
N CYS B 19 -41.55 8.93 1.82
CA CYS B 19 -41.67 10.39 1.82
C CYS B 19 -42.45 10.90 0.59
N LYS B 20 -43.08 10.00 -0.13
CA LYS B 20 -43.75 10.33 -1.37
C LYS B 20 -45.09 10.97 -1.09
N PRO B 21 -45.38 12.10 -1.77
CA PRO B 21 -46.68 12.76 -1.64
C PRO B 21 -47.74 11.97 -2.29
N LYS B 22 -49.01 12.27 -2.01
CA LYS B 22 -50.11 11.58 -2.69
C LYS B 22 -50.28 12.19 -4.07
N VAL B 23 -50.09 11.37 -5.09
CA VAL B 23 -50.15 11.80 -6.52
C VAL B 23 -51.39 12.64 -6.88
N GLY B 24 -52.52 12.33 -6.26
CA GLY B 24 -53.78 12.96 -6.64
C GLY B 24 -54.28 14.09 -5.76
N TYR B 25 -53.42 14.63 -4.89
CA TYR B 25 -53.83 15.58 -3.88
C TYR B 25 -54.45 16.92 -4.41
N MET B 26 -54.02 17.36 -5.58
CA MET B 26 -54.50 18.65 -6.06
C MET B 26 -55.97 18.63 -6.41
N LYS B 27 -56.44 17.49 -6.89
CA LYS B 27 -57.80 17.34 -7.25
C LYS B 27 -58.66 17.47 -6.00
N LYS B 28 -58.08 17.20 -4.84
CA LYS B 28 -58.85 17.21 -3.59
C LYS B 28 -58.66 18.49 -2.84
N GLN B 29 -57.68 19.32 -3.28
CA GLN B 29 -57.55 20.67 -2.69
C GLN B 29 -58.66 21.51 -3.19
N PRO B 30 -59.55 21.94 -2.29
CA PRO B 30 -60.69 22.70 -2.75
C PRO B 30 -60.35 24.02 -3.47
N ASP B 31 -59.32 24.70 -2.98
CA ASP B 31 -59.11 26.06 -3.33
C ASP B 31 -57.82 26.33 -4.10
N ILE B 32 -56.90 25.35 -4.17
CA ILE B 32 -55.63 25.61 -4.82
C ILE B 32 -55.53 24.73 -6.04
N THR B 33 -54.68 25.17 -6.98
CA THR B 33 -54.54 24.50 -8.26
C THR B 33 -53.08 24.21 -8.55
N ASN B 34 -52.84 23.41 -9.58
CA ASN B 34 -51.45 23.15 -10.01
C ASN B 34 -50.73 24.47 -10.35
N SER B 35 -51.42 25.39 -11.01
CA SER B 35 -50.89 26.67 -11.41
C SER B 35 -50.52 27.57 -10.20
N MET B 36 -51.35 27.60 -9.18
CA MET B 36 -50.96 28.30 -7.95
C MET B 36 -49.73 27.65 -7.28
N ARG B 37 -49.65 26.33 -7.33
CA ARG B 37 -48.47 25.64 -6.81
C ARG B 37 -47.22 25.98 -7.60
N ALA B 38 -47.35 26.08 -8.91
CA ALA B 38 -46.24 26.46 -9.81
C ALA B 38 -45.74 27.88 -9.47
N ILE B 39 -46.68 28.79 -9.25
CA ILE B 39 -46.35 30.13 -8.87
C ILE B 39 -45.52 30.16 -7.59
N LEU B 40 -45.91 29.32 -6.64
CA LEU B 40 -45.20 29.20 -5.35
C LEU B 40 -43.77 28.66 -5.47
N VAL B 41 -43.63 27.57 -6.17
CA VAL B 41 -42.33 26.97 -6.36
C VAL B 41 -41.42 27.92 -7.16
N ASP B 42 -41.96 28.63 -8.11
CA ASP B 42 -41.15 29.58 -8.83
C ASP B 42 -40.70 30.71 -7.90
N TRP B 43 -41.57 31.16 -6.99
CA TRP B 43 -41.13 32.11 -5.97
C TRP B 43 -40.03 31.55 -5.09
N LEU B 44 -40.11 30.30 -4.69
CA LEU B 44 -39.07 29.74 -3.83
C LEU B 44 -37.72 29.68 -4.54
N VAL B 45 -37.69 29.41 -5.82
CA VAL B 45 -36.44 29.44 -6.62
C VAL B 45 -35.85 30.81 -6.44
N GLU B 46 -36.65 31.85 -6.61
CA GLU B 46 -36.18 33.22 -6.45
C GLU B 46 -35.61 33.47 -5.09
N VAL B 47 -36.33 33.01 -4.07
CA VAL B 47 -35.88 33.11 -2.69
C VAL B 47 -34.55 32.44 -2.52
N GLY B 48 -34.37 31.24 -3.04
CA GLY B 48 -33.10 30.54 -2.99
C GLY B 48 -31.98 31.29 -3.64
N GLU B 49 -32.27 31.99 -4.76
CA GLU B 49 -31.27 32.82 -5.41
C GLU B 49 -30.90 34.01 -4.53
N GLU B 50 -31.93 34.77 -4.14
CA GLU B 50 -31.72 35.91 -3.31
C GLU B 50 -30.78 35.57 -2.12
N TYR B 51 -31.03 34.48 -1.42
CA TYR B 51 -30.26 34.14 -0.21
C TYR B 51 -29.16 33.19 -0.52
N LYS B 52 -28.94 32.91 -1.79
CA LYS B 52 -27.88 32.01 -2.28
C LYS B 52 -27.95 30.67 -1.53
N LEU B 53 -29.15 30.08 -1.49
CA LEU B 53 -29.37 28.81 -0.82
C LEU B 53 -28.92 27.66 -1.73
N GLN B 54 -28.58 26.52 -1.13
CA GLN B 54 -28.30 25.30 -1.88
C GLN B 54 -29.52 24.86 -2.69
N ASN B 55 -29.27 24.26 -3.87
CA ASN B 55 -30.36 23.66 -4.59
C ASN B 55 -31.07 22.53 -3.79
N GLU B 56 -30.33 21.85 -2.92
CA GLU B 56 -30.89 20.79 -2.14
C GLU B 56 -31.98 21.36 -1.20
N THR B 57 -31.75 22.52 -0.64
CA THR B 57 -32.72 23.20 0.20
C THR B 57 -34.05 23.44 -0.50
N LEU B 58 -33.97 23.90 -1.73
CA LEU B 58 -35.14 24.09 -2.56
C LEU B 58 -35.92 22.78 -2.75
N HIS B 59 -35.21 21.72 -3.12
CA HIS B 59 -35.84 20.44 -3.34
C HIS B 59 -36.51 19.96 -2.08
N LEU B 60 -35.83 20.06 -0.94
CA LEU B 60 -36.37 19.64 0.36
C LEU B 60 -37.69 20.40 0.68
N ALA B 61 -37.69 21.71 0.52
CA ALA B 61 -38.85 22.50 0.80
C ALA B 61 -40.03 22.06 -0.03
N VAL B 62 -39.79 21.77 -1.32
CA VAL B 62 -40.88 21.36 -2.21
C VAL B 62 -41.45 20.01 -1.73
N ASN B 63 -40.58 19.06 -1.35
CA ASN B 63 -41.03 17.80 -0.74
C ASN B 63 -41.91 18.04 0.50
N TYR B 64 -41.50 18.96 1.37
CA TYR B 64 -42.23 19.24 2.57
C TYR B 64 -43.62 19.81 2.20
N ILE B 65 -43.65 20.73 1.28
CA ILE B 65 -44.90 21.33 0.81
C ILE B 65 -45.84 20.31 0.20
N ASP B 66 -45.32 19.46 -0.66
CA ASP B 66 -46.18 18.45 -1.32
C ASP B 66 -46.72 17.44 -0.35
N ARG B 67 -45.93 17.03 0.60
CA ARG B 67 -46.39 16.07 1.62
C ARG B 67 -47.40 16.73 2.51
N PHE B 68 -47.20 18.00 2.89
CA PHE B 68 -48.14 18.71 3.75
C PHE B 68 -49.52 18.83 3.09
N LEU B 69 -49.51 19.22 1.82
CA LEU B 69 -50.72 19.41 1.09
C LEU B 69 -51.38 18.08 0.72
N SER B 70 -50.66 17.00 0.88
CA SER B 70 -51.22 15.68 0.70
C SER B 70 -52.27 15.33 1.77
N SER B 71 -52.22 15.99 2.93
CA SER B 71 -53.17 15.69 3.99
C SER B 71 -53.86 16.92 4.58
N MET B 72 -53.40 18.12 4.22
CA MET B 72 -53.96 19.33 4.76
C MET B 72 -54.50 20.26 3.69
N SER B 73 -55.78 20.57 3.78
CA SER B 73 -56.42 21.54 2.91
C SER B 73 -55.98 22.92 3.29
N VAL B 74 -55.67 23.71 2.25
CA VAL B 74 -55.08 25.06 2.40
C VAL B 74 -55.75 26.02 1.47
N LEU B 75 -56.21 27.14 2.01
CA LEU B 75 -56.76 28.20 1.20
C LEU B 75 -55.61 28.91 0.49
N ARG B 76 -55.92 29.47 -0.68
CA ARG B 76 -54.88 30.06 -1.54
C ARG B 76 -54.08 31.19 -0.83
N GLY B 77 -54.80 31.92 0.02
CA GLY B 77 -54.22 32.99 0.80
C GLY B 77 -53.20 32.49 1.80
N LYS B 78 -53.21 31.18 2.07
CA LYS B 78 -52.29 30.62 3.05
C LYS B 78 -51.19 29.76 2.44
N LEU B 79 -51.28 29.54 1.13
CA LEU B 79 -50.32 28.66 0.45
C LEU B 79 -48.86 29.17 0.58
N GLN B 80 -48.67 30.49 0.47
CA GLN B 80 -47.35 31.04 0.66
C GLN B 80 -46.84 30.93 2.09
N LEU B 81 -47.75 30.98 3.05
CA LEU B 81 -47.36 30.73 4.43
C LEU B 81 -46.80 29.34 4.62
N VAL B 82 -47.47 28.36 4.01
CA VAL B 82 -46.97 26.99 4.02
C VAL B 82 -45.58 27.00 3.39
N GLY B 83 -45.45 27.64 2.25
CA GLY B 83 -44.20 27.59 1.50
C GLY B 83 -43.06 28.23 2.25
N THR B 84 -43.33 29.36 2.91
CA THR B 84 -42.35 30.06 3.71
C THR B 84 -41.82 29.22 4.91
N ALA B 85 -42.74 28.57 5.61
CA ALA B 85 -42.36 27.70 6.72
C ALA B 85 -41.52 26.51 6.25
N ALA B 86 -41.92 25.92 5.10
CA ALA B 86 -41.21 24.83 4.52
C ALA B 86 -39.78 25.22 4.18
N MET B 87 -39.61 26.37 3.55
CA MET B 87 -38.30 26.86 3.13
C MET B 87 -37.47 27.14 4.36
N LEU B 88 -38.09 27.63 5.41
CA LEU B 88 -37.35 27.91 6.65
C LEU B 88 -36.86 26.64 7.26
N LEU B 89 -37.74 25.65 7.31
CA LEU B 89 -37.38 24.34 7.79
C LEU B 89 -36.28 23.66 6.96
N ALA B 90 -36.33 23.77 5.66
CA ALA B 90 -35.39 23.09 4.83
C ALA B 90 -34.05 23.80 5.05
N SER B 91 -34.05 25.11 5.18
CA SER B 91 -32.83 25.85 5.45
C SER B 91 -32.17 25.45 6.73
N LYS B 92 -32.95 25.38 7.80
CA LYS B 92 -32.43 24.95 9.05
C LYS B 92 -31.84 23.52 8.97
N PHE B 93 -32.53 22.64 8.22
CA PHE B 93 -32.02 21.29 8.04
C PHE B 93 -30.69 21.28 7.29
N GLU B 94 -30.65 22.03 6.18
CA GLU B 94 -29.65 21.82 5.13
C GLU B 94 -28.50 22.79 5.08
N GLU B 95 -28.75 24.04 5.43
CA GLU B 95 -27.80 25.14 5.25
C GLU B 95 -26.82 25.29 6.39
N ILE B 96 -25.58 25.61 6.03
CA ILE B 96 -24.60 25.97 7.01
C ILE B 96 -25.05 27.25 7.71
N TYR B 97 -25.48 28.24 6.95
CA TYR B 97 -25.98 29.49 7.51
C TYR B 97 -27.36 29.78 7.00
N PRO B 98 -28.36 29.20 7.65
CA PRO B 98 -29.71 29.52 7.19
C PRO B 98 -30.07 31.03 7.35
N PRO B 99 -30.91 31.55 6.46
CA PRO B 99 -31.41 32.89 6.78
C PRO B 99 -32.19 32.91 8.09
N GLU B 100 -32.21 34.05 8.74
CA GLU B 100 -32.97 34.20 9.94
C GLU B 100 -34.44 34.31 9.62
N VAL B 101 -35.25 34.05 10.64
CA VAL B 101 -36.70 34.07 10.53
C VAL B 101 -37.23 35.38 10.00
N ALA B 102 -36.63 36.49 10.43
CA ALA B 102 -36.98 37.79 10.00
C ALA B 102 -36.76 38.01 8.49
N GLU B 103 -35.77 37.32 7.95
CA GLU B 103 -35.50 37.34 6.53
C GLU B 103 -36.68 36.68 5.80
N PHE B 104 -37.15 35.54 6.29
CA PHE B 104 -38.35 34.89 5.75
C PHE B 104 -39.62 35.75 5.94
N VAL B 105 -39.74 36.45 7.06
CA VAL B 105 -40.94 37.26 7.20
C VAL B 105 -40.80 38.38 6.15
N TYR B 106 -39.61 39.03 6.08
CA TYR B 106 -39.38 40.11 5.11
C TYR B 106 -39.83 39.76 3.68
N ILE B 107 -39.38 38.60 3.19
CA ILE B 107 -39.68 38.27 1.79
C ILE B 107 -41.11 37.86 1.48
N THR B 108 -41.94 37.59 2.48
CA THR B 108 -43.35 37.42 2.18
C THR B 108 -44.06 38.76 2.15
N THR B 111 -47.69 39.16 2.85
CA THR B 111 -47.44 39.51 4.27
C THR B 111 -48.20 38.69 5.37
N TYR B 112 -47.36 37.89 6.01
CA TYR B 112 -47.67 37.17 7.22
C TYR B 112 -46.84 37.74 8.37
N THR B 113 -47.20 37.41 9.58
CA THR B 113 -46.38 37.81 10.72
C THR B 113 -45.39 36.74 11.12
N LYS B 114 -44.39 37.17 11.89
CA LYS B 114 -43.40 36.30 12.45
C LYS B 114 -44.10 35.17 13.24
N LYS B 115 -45.04 35.54 14.09
CA LYS B 115 -45.80 34.61 14.87
C LYS B 115 -46.50 33.56 13.97
N GLN B 116 -47.06 34.00 12.87
CA GLN B 116 -47.71 33.09 11.93
C GLN B 116 -46.69 32.15 11.30
N VAL B 117 -45.53 32.67 10.96
CA VAL B 117 -44.55 31.82 10.26
C VAL B 117 -44.07 30.79 11.27
N LEU B 118 -43.86 31.19 12.51
CA LEU B 118 -43.38 30.24 13.51
C LEU B 118 -44.43 29.19 13.90
N ARG B 119 -45.69 29.59 13.97
CA ARG B 119 -46.78 28.66 14.20
C ARG B 119 -46.93 27.69 13.03
N MET B 120 -46.83 28.18 11.81
CA MET B 120 -46.79 27.28 10.65
C MET B 120 -45.62 26.34 10.63
N GLU B 121 -44.46 26.80 10.99
CA GLU B 121 -43.31 25.95 11.14
C GLU B 121 -43.62 24.74 12.00
N HIS B 122 -44.18 25.02 13.14
CA HIS B 122 -44.58 24.00 14.08
C HIS B 122 -45.65 23.07 13.52
N LEU B 123 -46.65 23.61 12.88
CA LEU B 123 -47.65 22.79 12.25
C LEU B 123 -47.07 21.89 11.11
N VAL B 124 -46.21 22.47 10.27
CA VAL B 124 -45.55 21.65 9.26
C VAL B 124 -44.81 20.46 9.92
N LEU B 125 -44.02 20.73 10.94
CA LEU B 125 -43.27 19.68 11.66
C LEU B 125 -44.15 18.59 12.23
N LYS B 126 -45.29 18.97 12.78
CA LYS B 126 -46.24 18.01 13.26
C LYS B 126 -46.84 17.18 12.13
N VAL B 127 -47.29 17.82 11.08
CA VAL B 127 -47.93 17.10 9.98
C VAL B 127 -46.91 16.13 9.30
N LEU B 128 -45.65 16.54 9.21
CA LEU B 128 -44.62 15.68 8.64
C LEU B 128 -43.98 14.75 9.65
N THR B 129 -44.50 14.78 10.89
CA THR B 129 -43.95 14.09 12.06
C THR B 129 -42.42 14.18 12.19
N PHE B 130 -41.92 15.33 11.92
CA PHE B 130 -40.49 15.61 11.98
C PHE B 130 -39.63 14.85 11.01
N ASP B 131 -40.25 14.25 10.00
CA ASP B 131 -39.54 13.42 9.03
C ASP B 131 -39.03 14.27 7.87
N LEU B 132 -37.96 14.98 8.14
CA LEU B 132 -37.42 15.99 7.23
C LEU B 132 -36.28 15.50 6.32
N ALA B 133 -35.67 14.36 6.63
CA ALA B 133 -34.51 13.92 5.90
C ALA B 133 -34.92 13.19 4.67
N ALA B 134 -35.59 13.89 3.78
CA ALA B 134 -36.22 13.28 2.62
C ALA B 134 -35.24 13.22 1.46
N PRO B 135 -35.22 12.11 0.72
CA PRO B 135 -34.48 12.02 -0.51
C PRO B 135 -35.01 12.95 -1.56
N THR B 136 -34.13 13.51 -2.39
CA THR B 136 -34.53 14.48 -3.41
C THR B 136 -33.97 14.07 -4.78
N VAL B 137 -34.52 14.63 -5.83
CA VAL B 137 -33.99 14.49 -7.18
C VAL B 137 -32.49 14.74 -7.17
N ASN B 138 -32.10 15.81 -6.49
CA ASN B 138 -30.74 16.22 -6.37
C ASN B 138 -29.82 15.20 -5.75
N GLN B 139 -30.27 14.51 -4.71
CA GLN B 139 -29.42 13.54 -4.03
C GLN B 139 -29.16 12.32 -4.91
N PHE B 140 -30.15 12.01 -5.73
CA PHE B 140 -29.98 10.94 -6.69
C PHE B 140 -29.05 11.36 -7.83
N LEU B 141 -29.29 12.55 -8.42
CA LEU B 141 -28.43 13.05 -9.50
C LEU B 141 -26.92 13.04 -9.20
N THR B 142 -26.62 13.46 -8.02
CA THR B 142 -25.29 13.57 -7.55
C THR B 142 -24.55 12.22 -7.52
N GLN B 143 -25.26 11.16 -7.11
CA GLN B 143 -24.72 9.79 -7.24
C GLN B 143 -24.63 9.33 -8.68
N TYR B 144 -25.59 9.66 -9.49
CA TYR B 144 -25.58 9.26 -10.92
C TYR B 144 -24.43 9.92 -11.63
N PHE B 145 -24.10 11.13 -11.21
CA PHE B 145 -23.05 11.94 -11.84
C PHE B 145 -21.72 11.21 -11.77
N LEU B 146 -21.56 10.38 -10.73
CA LEU B 146 -20.32 9.59 -10.60
C LEU B 146 -20.15 8.50 -11.66
N HIS B 147 -21.15 8.24 -12.46
CA HIS B 147 -21.05 7.24 -13.50
C HIS B 147 -20.73 7.82 -14.85
N GLN B 148 -20.34 9.10 -14.91
CA GLN B 148 -19.94 9.71 -16.17
C GLN B 148 -18.61 9.23 -16.65
N GLN B 149 -18.46 9.07 -17.97
CA GLN B 149 -17.22 8.65 -18.55
C GLN B 149 -16.88 9.61 -19.72
N PRO B 150 -16.14 10.73 -19.46
CA PRO B 150 -15.72 11.24 -18.16
C PRO B 150 -16.71 12.31 -17.68
N ALA B 151 -16.41 12.89 -16.53
CA ALA B 151 -17.30 13.92 -15.96
C ALA B 151 -17.40 15.11 -16.90
N ASN B 152 -18.60 15.63 -17.02
CA ASN B 152 -18.93 16.76 -17.90
C ASN B 152 -19.79 17.75 -17.14
N CYS B 153 -19.21 18.91 -16.93
CA CYS B 153 -19.85 20.05 -16.33
C CYS B 153 -21.22 20.44 -16.81
N LYS B 154 -21.34 20.53 -18.12
CA LYS B 154 -22.56 20.97 -18.74
C LYS B 154 -23.61 19.91 -18.52
N VAL B 155 -23.22 18.65 -18.57
CA VAL B 155 -24.13 17.52 -18.31
C VAL B 155 -24.73 17.62 -16.89
N GLU B 156 -23.88 17.87 -15.92
CA GLU B 156 -24.27 17.95 -14.53
C GLU B 156 -25.23 19.12 -14.34
N SER B 157 -24.83 20.33 -14.79
CA SER B 157 -25.65 21.51 -14.58
C SER B 157 -26.96 21.39 -15.36
N LEU B 158 -26.95 20.85 -16.56
CA LEU B 158 -28.18 20.67 -17.33
C LEU B 158 -29.14 19.67 -16.68
N ALA B 159 -28.59 18.63 -16.11
CA ALA B 159 -29.35 17.62 -15.40
C ALA B 159 -30.04 18.22 -14.16
N MET B 160 -29.28 19.02 -13.44
CA MET B 160 -29.78 19.73 -12.32
C MET B 160 -30.91 20.69 -12.70
N PHE B 161 -30.73 21.36 -13.83
CA PHE B 161 -31.72 22.32 -14.36
C PHE B 161 -33.02 21.65 -14.71
N LEU B 162 -32.93 20.50 -15.35
CA LEU B 162 -34.12 19.76 -15.72
C LEU B 162 -34.85 19.18 -14.49
N GLY B 163 -34.09 18.66 -13.57
CA GLY B 163 -34.69 18.14 -12.34
C GLY B 163 -35.44 19.27 -11.64
N GLU B 164 -34.85 20.46 -11.72
CA GLU B 164 -35.43 21.62 -11.06
C GLU B 164 -36.72 22.02 -11.75
N LEU B 165 -36.74 22.00 -13.07
CA LEU B 165 -37.98 22.31 -13.78
C LEU B 165 -39.13 21.34 -13.35
N SER B 166 -38.82 20.09 -13.03
CA SER B 166 -39.83 19.14 -12.69
C SER B 166 -40.56 19.51 -11.39
N LEU B 167 -39.91 20.30 -10.53
CA LEU B 167 -40.46 20.76 -9.28
C LEU B 167 -41.63 21.71 -9.49
N ILE B 168 -41.67 22.35 -10.64
CA ILE B 168 -42.65 23.38 -10.90
C ILE B 168 -44.03 22.79 -11.16
N ASP B 169 -44.05 21.65 -11.83
CA ASP B 169 -45.26 21.11 -12.43
C ASP B 169 -45.75 19.84 -11.75
N ALA B 170 -46.72 19.98 -10.85
CA ALA B 170 -47.25 18.83 -10.07
C ALA B 170 -47.83 17.79 -11.04
N ASP B 171 -48.56 18.29 -12.04
CA ASP B 171 -49.00 17.51 -13.20
C ASP B 171 -47.93 17.78 -14.26
N PRO B 172 -47.13 16.79 -14.64
CA PRO B 172 -47.19 15.38 -14.27
C PRO B 172 -46.23 14.89 -13.20
N TYR B 173 -45.35 15.71 -12.65
CA TYR B 173 -44.16 15.14 -11.96
C TYR B 173 -44.39 14.54 -10.57
N LEU B 174 -45.47 14.89 -9.90
CA LEU B 174 -45.87 14.23 -8.68
C LEU B 174 -46.01 12.71 -8.82
N LYS B 175 -46.29 12.21 -9.99
CA LYS B 175 -46.42 10.77 -10.13
C LYS B 175 -45.06 10.05 -10.19
N TYR B 176 -43.97 10.77 -10.27
CA TYR B 176 -42.70 10.13 -10.40
C TYR B 176 -41.88 10.26 -9.15
N LEU B 177 -41.14 9.20 -8.82
CA LEU B 177 -40.19 9.24 -7.70
C LEU B 177 -38.94 10.04 -8.02
N PRO B 178 -38.32 10.63 -6.99
CA PRO B 178 -37.09 11.38 -7.17
C PRO B 178 -36.06 10.67 -7.97
N SER B 179 -35.82 9.39 -7.67
CA SER B 179 -34.83 8.59 -8.37
C SER B 179 -35.07 8.40 -9.85
N VAL B 180 -36.33 8.36 -10.25
CA VAL B 180 -36.76 8.24 -11.61
C VAL B 180 -36.65 9.53 -12.37
N ILE B 181 -37.10 10.63 -11.81
CA ILE B 181 -36.94 11.91 -12.39
C ILE B 181 -35.44 12.21 -12.59
N ALA B 182 -34.65 11.87 -11.58
CA ALA B 182 -33.23 12.06 -11.69
C ALA B 182 -32.66 11.24 -12.85
N GLY B 183 -33.13 10.02 -13.03
CA GLY B 183 -32.68 9.18 -14.10
C GLY B 183 -32.99 9.80 -15.45
N ALA B 184 -34.24 10.17 -15.64
CA ALA B 184 -34.68 10.92 -16.81
C ALA B 184 -33.84 12.17 -17.07
N ALA B 185 -33.61 12.97 -16.04
CA ALA B 185 -32.91 14.24 -16.21
C ALA B 185 -31.47 13.99 -16.60
N PHE B 186 -30.86 12.98 -16.00
CA PHE B 186 -29.49 12.65 -16.25
C PHE B 186 -29.33 12.18 -17.73
N HIS B 187 -30.19 11.26 -18.13
CA HIS B 187 -30.19 10.78 -19.49
C HIS B 187 -30.41 11.92 -20.51
N LEU B 188 -31.43 12.73 -20.26
CA LEU B 188 -31.81 13.79 -21.18
C LEU B 188 -30.63 14.75 -21.35
N ALA B 189 -29.97 15.10 -20.24
CA ALA B 189 -28.83 15.98 -20.23
C ALA B 189 -27.65 15.35 -20.95
N LEU B 190 -27.34 14.12 -20.60
CA LEU B 190 -26.25 13.41 -21.19
C LEU B 190 -26.41 13.37 -22.72
N TYR B 191 -27.62 13.06 -23.17
CA TYR B 191 -27.92 12.98 -24.58
C TYR B 191 -27.81 14.30 -25.29
N THR B 192 -28.37 15.33 -24.69
CA THR B 192 -28.37 16.68 -25.23
C THR B 192 -26.95 17.17 -25.43
N VAL B 193 -26.09 16.92 -24.46
CA VAL B 193 -24.74 17.42 -24.50
C VAL B 193 -23.74 16.60 -25.27
N THR B 194 -23.73 15.29 -25.01
CA THR B 194 -22.71 14.41 -25.56
C THR B 194 -23.17 13.41 -26.59
N GLY B 195 -24.46 13.29 -26.85
CA GLY B 195 -24.97 12.22 -27.70
C GLY B 195 -25.16 10.87 -27.00
N GLN B 196 -24.57 10.72 -25.81
CA GLN B 196 -24.53 9.47 -25.12
C GLN B 196 -25.84 9.15 -24.40
N SER B 197 -25.93 7.93 -23.88
CA SER B 197 -27.16 7.45 -23.25
C SER B 197 -26.98 6.93 -21.80
N TRP B 198 -28.09 6.80 -21.10
CA TRP B 198 -28.19 6.16 -19.79
C TRP B 198 -27.22 4.98 -19.73
N PRO B 199 -26.13 5.13 -18.97
CA PRO B 199 -25.10 4.11 -18.95
C PRO B 199 -25.50 2.82 -18.22
N GLU B 200 -24.87 1.77 -18.71
CA GLU B 200 -25.01 0.40 -18.27
C GLU B 200 -24.74 0.25 -16.80
N SER B 201 -23.75 0.98 -16.34
CA SER B 201 -23.37 0.92 -14.94
C SER B 201 -24.54 1.39 -14.03
N LEU B 202 -25.37 2.30 -14.56
CA LEU B 202 -26.48 2.82 -13.78
C LEU B 202 -27.71 1.91 -13.90
N ILE B 203 -27.76 1.12 -14.97
CA ILE B 203 -28.71 0.01 -15.02
C ILE B 203 -28.40 -0.96 -13.90
N ARG B 204 -27.12 -1.31 -13.75
CA ARG B 204 -26.69 -2.19 -12.64
C ARG B 204 -27.01 -1.63 -11.26
N LYS B 205 -26.74 -0.36 -11.07
CA LYS B 205 -26.97 0.32 -9.78
C LYS B 205 -28.45 0.46 -9.44
N THR B 206 -29.21 0.99 -10.38
CA THR B 206 -30.56 1.45 -10.10
C THR B 206 -31.62 0.44 -10.47
N GLY B 207 -31.29 -0.41 -11.40
CA GLY B 207 -32.28 -1.30 -12.02
C GLY B 207 -33.21 -0.63 -13.01
N TYR B 208 -33.00 0.64 -13.23
CA TYR B 208 -33.81 1.39 -14.19
C TYR B 208 -33.19 1.31 -15.60
N THR B 209 -34.06 1.23 -16.60
CA THR B 209 -33.67 1.15 -17.99
C THR B 209 -34.29 2.32 -18.71
N LEU B 210 -33.83 2.53 -19.93
CA LEU B 210 -34.47 3.51 -20.77
C LEU B 210 -35.98 3.15 -20.91
N GLU B 211 -36.30 1.88 -21.01
CA GLU B 211 -37.70 1.45 -21.04
C GLU B 211 -38.46 2.00 -19.82
N SER B 212 -37.98 1.75 -18.64
CA SER B 212 -38.68 2.15 -17.43
C SER B 212 -38.67 3.66 -17.23
N LEU B 213 -37.66 4.32 -17.75
CA LEU B 213 -37.60 5.76 -17.67
C LEU B 213 -38.40 6.46 -18.73
N LYS B 214 -38.84 5.73 -19.75
CA LYS B 214 -39.54 6.36 -20.89
C LYS B 214 -40.69 7.29 -20.53
N PRO B 215 -41.68 6.84 -19.73
CA PRO B 215 -42.77 7.78 -19.42
C PRO B 215 -42.32 9.12 -18.86
N CYS B 216 -41.44 9.11 -17.89
CA CYS B 216 -40.95 10.33 -17.27
C CYS B 216 -40.11 11.17 -18.26
N LEU B 217 -39.32 10.46 -19.02
CA LEU B 217 -38.45 11.05 -20.04
C LEU B 217 -39.30 11.78 -21.11
N MET B 218 -40.36 11.11 -21.58
CA MET B 218 -41.24 11.71 -22.58
C MET B 218 -41.80 13.01 -22.03
N ASP B 219 -42.24 12.98 -20.76
CA ASP B 219 -42.77 14.17 -20.12
C ASP B 219 -41.71 15.25 -19.98
N LEU B 220 -40.52 14.86 -19.53
CA LEU B 220 -39.44 15.79 -19.28
C LEU B 220 -38.91 16.47 -20.54
N HIS B 221 -38.84 15.71 -21.62
CA HIS B 221 -38.44 16.23 -22.93
C HIS B 221 -39.45 17.29 -23.37
N GLN B 222 -40.73 17.02 -23.23
CA GLN B 222 -41.80 18.01 -23.52
C GLN B 222 -41.61 19.25 -22.65
N THR B 223 -41.38 19.02 -21.38
CA THR B 223 -41.09 20.11 -20.49
C THR B 223 -39.95 20.98 -20.96
N TYR B 224 -38.88 20.30 -21.30
CA TYR B 224 -37.68 20.96 -21.77
C TYR B 224 -37.96 21.78 -23.04
N LEU B 225 -38.61 21.19 -24.03
CA LEU B 225 -38.94 21.94 -25.30
C LEU B 225 -39.81 23.17 -25.08
N LYS B 226 -40.80 23.05 -24.18
CA LYS B 226 -41.77 24.11 -23.89
C LYS B 226 -41.27 25.13 -22.85
N ALA B 227 -40.11 24.88 -22.30
CA ALA B 227 -39.60 25.70 -21.20
C ALA B 227 -39.51 27.23 -21.45
N PRO B 228 -39.07 27.65 -22.64
CA PRO B 228 -39.05 29.10 -22.89
C PRO B 228 -40.42 29.78 -22.90
N GLN B 229 -41.49 28.97 -22.98
CA GLN B 229 -42.87 29.48 -23.02
C GLN B 229 -43.64 29.33 -21.71
N HIS B 230 -43.05 28.66 -20.76
CA HIS B 230 -43.72 28.40 -19.46
C HIS B 230 -44.00 29.71 -18.79
N ALA B 231 -45.17 29.83 -18.18
CA ALA B 231 -45.50 31.02 -17.41
C ALA B 231 -44.44 31.30 -16.32
N GLN B 232 -43.84 30.25 -15.79
CA GLN B 232 -42.80 30.38 -14.77
C GLN B 232 -41.42 30.29 -15.39
N GLN B 233 -40.58 31.31 -15.12
CA GLN B 233 -39.28 31.48 -15.79
C GLN B 233 -38.05 31.60 -14.85
N SER B 234 -38.23 31.56 -13.54
CA SER B 234 -37.10 31.76 -12.66
C SER B 234 -35.97 30.72 -12.74
N ILE B 235 -36.31 29.48 -13.05
CA ILE B 235 -35.30 28.44 -13.14
C ILE B 235 -34.44 28.68 -14.40
N ARG B 236 -35.07 29.01 -15.54
CA ARG B 236 -34.35 29.38 -16.73
C ARG B 236 -33.43 30.55 -16.47
N GLU B 237 -33.92 31.60 -15.81
CA GLU B 237 -33.11 32.79 -15.49
C GLU B 237 -31.89 32.32 -14.68
N LYS B 238 -32.17 31.52 -13.69
CA LYS B 238 -31.13 31.13 -12.73
C LYS B 238 -29.98 30.36 -13.43
N TYR B 239 -30.37 29.43 -14.33
CA TYR B 239 -29.42 28.56 -14.97
C TYR B 239 -28.71 29.18 -16.16
N LYS B 240 -28.91 30.48 -16.36
CA LYS B 240 -28.11 31.25 -17.29
C LYS B 240 -26.79 31.56 -16.64
N ASN B 241 -26.74 31.63 -15.32
CA ASN B 241 -25.53 32.00 -14.63
C ASN B 241 -24.37 31.08 -14.84
N SER B 242 -23.18 31.66 -14.85
CA SER B 242 -21.93 30.92 -15.13
C SER B 242 -21.71 29.80 -14.14
N LYS B 243 -22.27 29.98 -12.95
CA LYS B 243 -22.27 28.99 -11.88
C LYS B 243 -22.76 27.61 -12.43
N TYR B 244 -23.76 27.68 -13.31
CA TYR B 244 -24.39 26.51 -13.92
C TYR B 244 -24.05 26.41 -15.38
N HIS B 245 -22.94 26.98 -15.79
CA HIS B 245 -22.45 27.03 -17.17
C HIS B 245 -23.49 27.43 -18.19
N GLY B 246 -24.37 28.39 -17.86
CA GLY B 246 -25.37 28.90 -18.79
C GLY B 246 -26.18 27.83 -19.51
N VAL B 247 -26.28 26.66 -18.91
CA VAL B 247 -26.92 25.51 -19.59
C VAL B 247 -28.39 25.70 -20.05
N SER B 248 -29.11 26.66 -19.46
CA SER B 248 -30.48 26.89 -19.91
C SER B 248 -30.53 27.47 -21.31
N LEU B 249 -29.38 27.94 -21.76
CA LEU B 249 -29.20 28.37 -23.14
C LEU B 249 -29.00 27.26 -24.19
N LEU B 250 -28.62 26.08 -23.75
CA LEU B 250 -28.46 24.97 -24.70
C LEU B 250 -29.77 24.60 -25.41
N ASN B 251 -29.69 24.14 -26.65
CA ASN B 251 -30.91 23.70 -27.39
C ASN B 251 -31.36 22.33 -26.97
N PRO B 252 -32.66 22.19 -26.69
CA PRO B 252 -33.15 20.83 -26.49
C PRO B 252 -33.10 20.06 -27.83
N PRO B 253 -32.87 18.73 -27.75
CA PRO B 253 -32.90 17.91 -28.94
C PRO B 253 -34.34 17.84 -29.46
N GLU B 254 -34.51 17.73 -30.77
CA GLU B 254 -35.89 17.74 -31.29
C GLU B 254 -36.60 16.41 -31.00
N THR B 255 -35.81 15.34 -30.92
CA THR B 255 -36.31 13.99 -30.73
C THR B 255 -35.32 13.23 -29.86
N LEU B 256 -35.82 12.19 -29.17
CA LEU B 256 -34.97 11.43 -28.24
C LEU B 256 -34.35 10.14 -28.85
N ASN B 257 -34.95 9.64 -29.91
CA ASN B 257 -34.53 8.31 -30.49
C ASN B 257 -34.68 7.19 -29.47
N LEU B 258 -35.84 7.15 -28.82
CA LEU B 258 -36.18 6.03 -27.92
C LEU B 258 -37.07 5.05 -28.67
N PRO C 2 36.64 -0.29 12.41
CA PRO C 2 37.01 -0.46 13.88
C PRO C 2 38.53 -0.65 14.14
N GLY C 3 39.12 -1.48 13.29
CA GLY C 3 40.54 -1.76 13.33
C GLY C 3 41.44 -0.69 12.69
N SER C 4 42.73 -0.87 12.95
CA SER C 4 43.81 0.07 12.53
C SER C 4 45.09 -0.76 12.76
N MET C 5 46.06 -0.72 11.80
CA MET C 5 47.12 -1.74 11.78
C MET C 5 48.13 -1.65 12.92
N GLU C 6 48.14 -0.54 13.63
CA GLU C 6 49.05 -0.42 14.75
C GLU C 6 48.84 -1.50 15.85
N ASN C 7 47.61 -1.94 16.08
CA ASN C 7 47.32 -2.97 17.10
C ASN C 7 47.66 -4.42 16.76
N PHE C 8 48.00 -4.70 15.52
CA PHE C 8 48.33 -6.05 15.09
C PHE C 8 49.83 -6.28 14.95
N GLN C 9 50.27 -7.39 15.52
CA GLN C 9 51.65 -7.82 15.47
C GLN C 9 51.65 -9.04 14.56
N LYS C 10 52.47 -9.01 13.50
CA LYS C 10 52.63 -10.18 12.60
C LYS C 10 53.26 -11.29 13.41
N VAL C 11 52.71 -12.48 13.34
CA VAL C 11 53.35 -13.62 13.96
C VAL C 11 54.11 -14.43 12.91
N GLU C 12 53.45 -14.80 11.83
CA GLU C 12 54.15 -15.38 10.69
C GLU C 12 53.30 -15.24 9.46
N LYS C 13 53.93 -15.21 8.31
CA LYS C 13 53.28 -15.24 7.02
C LYS C 13 52.79 -16.67 6.79
N ILE C 14 51.53 -16.81 6.36
CA ILE C 14 51.01 -18.11 6.03
C ILE C 14 51.22 -18.48 4.55
N GLY C 15 51.18 -17.49 3.67
CA GLY C 15 51.51 -17.65 2.23
C GLY C 15 50.68 -16.77 1.31
N GLU C 16 50.84 -17.02 0.02
CA GLU C 16 50.15 -16.28 -1.05
C GLU C 16 49.28 -17.17 -1.87
N GLY C 17 47.96 -17.00 -1.71
CA GLY C 17 46.99 -17.72 -2.57
C GLY C 17 46.72 -16.94 -3.86
N THR C 18 45.64 -17.31 -4.54
CA THR C 18 45.06 -16.61 -5.72
C THR C 18 45.35 -15.12 -5.68
N TYR C 19 44.94 -14.50 -4.56
CA TYR C 19 45.30 -13.09 -4.40
C TYR C 19 45.55 -12.74 -2.96
N GLY C 20 46.10 -11.55 -2.77
CA GLY C 20 46.62 -11.16 -1.46
C GLY C 20 47.67 -12.09 -0.83
N VAL C 21 47.99 -11.80 0.41
CA VAL C 21 48.93 -12.56 1.24
C VAL C 21 48.21 -12.79 2.57
N VAL C 22 48.30 -14.00 3.10
CA VAL C 22 47.72 -14.33 4.40
C VAL C 22 48.77 -14.43 5.48
N TYR C 23 48.58 -13.66 6.56
CA TYR C 23 49.44 -13.77 7.78
C TYR C 23 48.63 -14.16 9.00
N LYS C 24 49.34 -14.72 9.96
CA LYS C 24 48.85 -14.94 11.29
C LYS C 24 49.29 -13.71 12.05
N ALA C 25 48.36 -13.10 12.77
CA ALA C 25 48.72 -11.94 13.57
C ALA C 25 47.98 -11.96 14.91
N ARG C 26 48.43 -11.12 15.82
CA ARG C 26 47.73 -10.99 17.05
C ARG C 26 47.44 -9.54 17.36
N ASN C 27 46.24 -9.38 17.93
CA ASN C 27 45.84 -8.10 18.47
C ASN C 27 46.62 -7.93 19.76
N LYS C 28 47.47 -6.93 19.79
CA LYS C 28 48.27 -6.58 20.95
C LYS C 28 47.46 -6.23 22.20
N LEU C 29 46.28 -5.65 21.99
CA LEU C 29 45.50 -5.19 23.11
C LEU C 29 44.63 -6.30 23.72
N THR C 30 44.00 -7.10 22.89
CA THR C 30 43.06 -8.12 23.32
C THR C 30 43.67 -9.53 23.39
N GLY C 31 44.79 -9.70 22.72
CA GLY C 31 45.44 -10.98 22.53
C GLY C 31 44.80 -11.89 21.51
N GLU C 32 43.74 -11.45 20.83
CA GLU C 32 43.13 -12.26 19.76
C GLU C 32 44.11 -12.59 18.61
N VAL C 33 44.17 -13.87 18.26
CA VAL C 33 44.94 -14.30 17.14
C VAL C 33 44.03 -14.23 15.90
N VAL C 34 44.50 -13.62 14.83
CA VAL C 34 43.73 -13.49 13.63
C VAL C 34 44.53 -13.94 12.40
N ALA C 35 43.81 -14.11 11.31
CA ALA C 35 44.41 -14.27 10.00
C ALA C 35 44.15 -12.98 9.24
N LEU C 36 45.23 -12.39 8.73
CA LEU C 36 45.13 -11.15 7.95
C LEU C 36 45.39 -11.46 6.50
N LYS C 37 44.46 -11.05 5.65
CA LYS C 37 44.71 -11.16 4.21
C LYS C 37 44.98 -9.76 3.72
N LYS C 38 46.20 -9.48 3.30
CA LYS C 38 46.59 -8.20 2.78
C LYS C 38 46.39 -8.15 1.24
N ILE C 39 45.67 -7.19 0.76
CA ILE C 39 45.39 -7.01 -0.65
C ILE C 39 45.92 -5.68 -1.13
N ARG C 40 46.78 -5.75 -2.13
CA ARG C 40 47.32 -4.54 -2.76
C ARG C 40 46.26 -3.90 -3.69
N LEU C 41 46.08 -2.61 -3.53
CA LEU C 41 45.24 -1.83 -4.43
C LEU C 41 46.12 -1.22 -5.54
N ASP C 42 45.62 -1.35 -6.74
CA ASP C 42 46.22 -0.81 -7.96
C ASP C 42 45.84 0.65 -8.10
N THR C 43 46.39 1.43 -7.21
CA THR C 43 45.98 2.80 -6.92
C THR C 43 46.33 3.69 -8.12
N GLU C 44 47.40 3.22 -8.78
CA GLU C 44 47.61 3.33 -10.16
C GLU C 44 47.63 1.77 -10.55
N THR C 45 46.78 1.39 -11.53
CA THR C 45 45.65 2.19 -11.95
C THR C 45 44.42 1.39 -12.48
N GLU C 46 44.19 0.14 -12.06
CA GLU C 46 42.90 -0.53 -12.16
C GLU C 46 42.04 -0.53 -10.81
N GLY C 47 42.61 -0.01 -9.73
CA GLY C 47 41.95 0.15 -8.48
C GLY C 47 41.74 -1.10 -7.65
N VAL C 48 40.58 -1.20 -7.02
CA VAL C 48 40.26 -2.35 -6.14
C VAL C 48 39.91 -3.55 -7.00
N PRO C 49 40.54 -4.70 -6.77
CA PRO C 49 40.30 -5.82 -7.72
C PRO C 49 38.89 -6.40 -7.54
N SER C 50 38.34 -6.87 -8.64
CA SER C 50 37.01 -7.48 -8.58
C SER C 50 36.95 -8.64 -7.62
N THR C 51 38.07 -9.30 -7.46
CA THR C 51 38.12 -10.49 -6.61
C THR C 51 37.91 -10.14 -5.16
N ALA C 52 38.48 -9.01 -4.77
CA ALA C 52 38.38 -8.48 -3.42
C ALA C 52 37.01 -7.92 -3.22
N ILE C 53 36.48 -7.23 -4.20
CA ILE C 53 35.12 -6.69 -4.13
C ILE C 53 34.10 -7.84 -3.90
N ARG C 54 34.27 -8.93 -4.65
CA ARG C 54 33.37 -10.07 -4.51
C ARG C 54 33.58 -10.84 -3.20
N GLU C 55 34.85 -11.11 -2.85
CA GLU C 55 35.11 -11.80 -1.63
C GLU C 55 34.55 -11.04 -0.43
N ILE C 56 34.81 -9.74 -0.36
CA ILE C 56 34.35 -8.97 0.78
C ILE C 56 32.80 -8.87 0.87
N SER C 57 32.17 -8.45 -0.23
CA SER C 57 30.75 -8.25 -0.27
C SER C 57 29.96 -9.51 0.04
N LEU C 58 30.52 -10.64 -0.37
CA LEU C 58 29.81 -11.90 -0.22
C LEU C 58 30.01 -12.51 1.14
N LEU C 59 31.24 -12.39 1.62
CA LEU C 59 31.56 -12.92 2.93
C LEU C 59 30.92 -12.14 4.06
N LYS C 60 30.59 -10.87 3.83
CA LYS C 60 29.87 -10.05 4.84
C LYS C 60 28.39 -10.45 4.95
N GLU C 61 27.85 -10.99 3.86
CA GLU C 61 26.49 -11.55 3.96
C GLU C 61 26.51 -12.93 4.63
N LEU C 62 27.54 -13.71 4.40
CA LEU C 62 27.55 -15.14 4.80
C LEU C 62 27.98 -15.41 6.24
N ASN C 63 27.05 -15.39 7.14
CA ASN C 63 27.34 -15.72 8.52
C ASN C 63 26.96 -17.16 8.89
N HIS C 64 27.96 -18.02 9.12
CA HIS C 64 27.72 -19.43 9.29
C HIS C 64 28.90 -20.10 9.99
N PRO C 65 28.65 -21.06 10.89
CA PRO C 65 29.82 -21.65 11.57
C PRO C 65 30.83 -22.41 10.66
N ASN C 66 30.43 -22.80 9.45
CA ASN C 66 31.30 -23.50 8.49
C ASN C 66 31.74 -22.64 7.29
N ILE C 67 31.64 -21.32 7.48
CA ILE C 67 32.17 -20.33 6.56
C ILE C 67 33.10 -19.45 7.35
N VAL C 68 34.35 -19.30 6.86
CA VAL C 68 35.36 -18.51 7.59
C VAL C 68 34.77 -17.13 7.91
N LYS C 69 34.92 -16.69 9.16
CA LYS C 69 34.29 -15.44 9.58
C LYS C 69 35.17 -14.21 9.30
N LEU C 70 34.65 -13.29 8.52
CA LEU C 70 35.31 -12.05 8.29
C LEU C 70 35.00 -11.08 9.44
N LEU C 71 36.04 -10.66 10.15
CA LEU C 71 35.88 -9.87 11.37
C LEU C 71 35.94 -8.36 11.14
N ASP C 72 36.71 -7.93 10.17
CA ASP C 72 36.88 -6.51 9.91
C ASP C 72 37.50 -6.33 8.55
N VAL C 73 37.33 -5.14 8.00
CA VAL C 73 38.08 -4.73 6.81
C VAL C 73 38.72 -3.39 7.18
N ILE C 74 40.03 -3.38 7.11
CA ILE C 74 40.80 -2.23 7.42
C ILE C 74 41.32 -1.65 6.12
N HIS C 75 40.88 -0.42 5.92
CA HIS C 75 41.24 0.40 4.75
C HIS C 75 42.48 1.25 4.92
N THR C 76 43.35 1.20 3.93
CA THR C 76 44.07 2.45 3.66
C THR C 76 43.99 2.82 2.21
N GLU C 77 44.74 3.86 1.82
CA GLU C 77 44.69 4.32 0.39
C GLU C 77 45.40 3.29 -0.49
N ASN C 78 46.43 2.69 0.12
CA ASN C 78 47.36 1.66 -0.43
C ASN C 78 46.93 0.17 -0.39
N LYS C 79 46.28 -0.22 0.67
CA LYS C 79 46.17 -1.61 1.06
C LYS C 79 44.80 -1.86 1.69
N LEU C 80 44.27 -3.05 1.53
CA LEU C 80 43.12 -3.49 2.30
C LEU C 80 43.59 -4.68 3.13
N TYR C 81 43.28 -4.67 4.42
CA TYR C 81 43.49 -5.85 5.25
C TYR C 81 42.17 -6.43 5.64
N LEU C 82 41.95 -7.70 5.27
CA LEU C 82 40.78 -8.42 5.73
C LEU C 82 41.22 -9.15 7.00
N VAL C 83 40.50 -8.88 8.09
CA VAL C 83 40.69 -9.58 9.36
C VAL C 83 39.74 -10.75 9.47
N PHE C 84 40.27 -11.95 9.55
CA PHE C 84 39.49 -13.15 9.68
C PHE C 84 39.81 -13.87 10.98
N GLU C 85 38.88 -14.69 11.42
CA GLU C 85 39.17 -15.61 12.50
C GLU C 85 40.33 -16.48 12.07
N PHE C 86 41.19 -16.86 13.05
CA PHE C 86 42.35 -17.66 12.75
C PHE C 86 42.10 -19.13 12.84
N LEU C 87 42.33 -19.84 11.73
CA LEU C 87 42.25 -21.29 11.70
C LEU C 87 43.64 -21.79 11.33
N HIS C 88 44.09 -22.73 12.13
N HIS C 88 44.06 -22.78 12.09
CA HIS C 88 45.47 -23.10 12.09
CA HIS C 88 45.44 -23.16 12.05
C HIS C 88 45.90 -23.95 10.88
C HIS C 88 45.87 -24.01 10.85
N GLN C 89 44.99 -24.68 10.23
CA GLN C 89 45.38 -25.67 9.25
C GLN C 89 44.46 -25.64 8.03
N ASP C 90 44.97 -25.82 6.82
CA ASP C 90 44.06 -26.08 5.70
C ASP C 90 43.99 -27.60 5.45
N LEU C 91 42.98 -28.05 4.74
CA LEU C 91 42.72 -29.48 4.56
C LEU C 91 43.79 -30.15 3.70
N LYS C 92 44.38 -29.43 2.74
CA LYS C 92 45.51 -29.95 1.96
C LYS C 92 46.67 -30.36 2.83
N LYS C 93 47.12 -29.46 3.69
CA LYS C 93 48.18 -29.75 4.63
C LYS C 93 47.79 -30.84 5.59
N PHE C 94 46.53 -30.90 5.97
CA PHE C 94 46.08 -31.97 6.87
C PHE C 94 46.04 -33.34 6.18
N MET C 95 45.57 -33.40 4.94
CA MET C 95 45.60 -34.68 4.17
C MET C 95 47.03 -35.18 4.02
N ASP C 96 48.02 -34.29 3.81
CA ASP C 96 49.42 -34.70 3.73
C ASP C 96 49.87 -35.28 5.03
N ALA C 97 49.57 -34.57 6.10
CA ALA C 97 49.99 -34.96 7.45
C ALA C 97 49.40 -36.33 7.82
N SER C 98 48.26 -36.64 7.19
CA SER C 98 47.51 -37.87 7.45
C SER C 98 47.80 -38.95 6.42
N ALA C 99 48.79 -38.71 5.52
CA ALA C 99 49.02 -39.65 4.41
C ALA C 99 49.40 -41.08 4.88
N LEU C 100 50.12 -41.17 5.98
CA LEU C 100 50.59 -42.46 6.47
C LEU C 100 49.48 -43.32 7.08
N THR C 101 48.73 -42.72 8.00
CA THR C 101 47.67 -43.40 8.73
C THR C 101 46.29 -43.25 8.09
N GLY C 102 46.05 -42.18 7.31
CA GLY C 102 44.71 -41.94 6.74
C GLY C 102 43.85 -41.13 7.70
N ILE C 103 42.89 -40.40 7.15
CA ILE C 103 41.92 -39.67 7.95
C ILE C 103 40.82 -40.67 8.36
N PRO C 104 40.61 -40.80 9.68
CA PRO C 104 39.56 -41.68 10.21
C PRO C 104 38.18 -41.41 9.59
N LEU C 105 37.50 -42.46 9.16
CA LEU C 105 36.20 -42.35 8.52
C LEU C 105 35.19 -41.42 9.28
N PRO C 106 35.11 -41.47 10.62
CA PRO C 106 34.17 -40.55 11.29
C PRO C 106 34.50 -39.02 11.15
N LEU C 107 35.79 -38.72 11.06
CA LEU C 107 36.23 -37.38 10.82
C LEU C 107 35.98 -36.95 9.38
N ILE C 108 36.21 -37.86 8.46
CA ILE C 108 35.84 -37.65 7.08
C ILE C 108 34.35 -37.33 7.01
N LYS C 109 33.52 -38.15 7.65
CA LYS C 109 32.08 -37.90 7.65
C LYS C 109 31.70 -36.56 8.26
N SER C 110 32.28 -36.25 9.42
CA SER C 110 32.08 -34.97 10.10
C SER C 110 32.42 -33.78 9.15
N TYR C 111 33.62 -33.85 8.58
CA TYR C 111 34.12 -32.81 7.69
C TYR C 111 33.26 -32.65 6.48
N LEU C 112 32.83 -33.73 5.85
CA LEU C 112 31.98 -33.62 4.69
C LEU C 112 30.64 -33.01 5.08
N PHE C 113 30.14 -33.43 6.22
CA PHE C 113 28.87 -32.92 6.74
C PHE C 113 28.91 -31.40 6.94
N GLN C 114 29.97 -30.96 7.60
CA GLN C 114 30.19 -29.54 7.84
C GLN C 114 30.38 -28.77 6.53
N LEU C 115 31.09 -29.34 5.57
CA LEU C 115 31.31 -28.64 4.30
C LEU C 115 29.98 -28.47 3.56
N LEU C 116 29.13 -29.47 3.60
CA LEU C 116 27.84 -29.41 2.98
C LEU C 116 26.92 -28.41 3.64
N GLN C 117 26.97 -28.31 4.95
CA GLN C 117 26.18 -27.26 5.65
C GLN C 117 26.61 -25.84 5.24
N GLY C 118 27.92 -25.63 5.18
CA GLY C 118 28.46 -24.38 4.72
C GLY C 118 28.08 -24.08 3.28
N LEU C 119 28.11 -25.13 2.44
CA LEU C 119 27.84 -24.92 1.02
C LEU C 119 26.34 -24.68 0.76
N ALA C 120 25.48 -25.45 1.44
CA ALA C 120 24.03 -25.22 1.37
C ALA C 120 23.66 -23.81 1.82
N PHE C 121 24.33 -23.34 2.85
CA PHE C 121 24.17 -21.94 3.25
C PHE C 121 24.55 -20.96 2.10
N CYS C 122 25.70 -21.17 1.47
CA CYS C 122 26.07 -20.36 0.29
C CYS C 122 25.03 -20.44 -0.77
N HIS C 123 24.63 -21.63 -1.14
CA HIS C 123 23.71 -21.79 -2.27
C HIS C 123 22.35 -21.17 -1.97
N SER C 124 21.89 -21.31 -0.73
CA SER C 124 20.66 -20.71 -0.21
C SER C 124 20.68 -19.22 -0.28
N HIS C 125 21.89 -18.66 -0.24
CA HIS C 125 22.11 -17.24 -0.32
C HIS C 125 22.72 -16.81 -1.64
N ARG C 126 22.34 -17.53 -2.69
CA ARG C 126 22.72 -17.22 -4.07
C ARG C 126 24.22 -16.95 -4.28
N VAL C 127 25.07 -17.72 -3.63
CA VAL C 127 26.52 -17.58 -3.80
C VAL C 127 27.12 -18.89 -4.31
N LEU C 128 27.87 -18.84 -5.41
CA LEU C 128 28.67 -19.97 -5.88
C LEU C 128 30.09 -19.74 -5.46
N HIS C 129 30.73 -20.77 -4.97
CA HIS C 129 32.08 -20.62 -4.51
C HIS C 129 33.15 -20.71 -5.64
N ARG C 130 33.04 -21.76 -6.43
CA ARG C 130 33.83 -21.98 -7.63
C ARG C 130 35.34 -22.22 -7.47
N ASP C 131 35.79 -22.51 -6.27
CA ASP C 131 37.15 -22.96 -6.07
C ASP C 131 37.27 -23.80 -4.83
N LEU C 132 36.37 -24.75 -4.67
CA LEU C 132 36.45 -25.69 -3.56
C LEU C 132 37.54 -26.70 -3.82
N LYS C 133 38.50 -26.73 -2.91
CA LYS C 133 39.64 -27.58 -3.01
C LYS C 133 40.27 -27.58 -1.62
N PRO C 134 41.05 -28.62 -1.31
CA PRO C 134 41.40 -28.79 0.08
C PRO C 134 42.16 -27.59 0.65
N GLN C 135 42.97 -26.93 -0.17
N GLN C 135 42.98 -26.94 -0.17
CA GLN C 135 43.76 -25.77 0.30
CA GLN C 135 43.75 -25.79 0.29
C GLN C 135 42.87 -24.60 0.77
C GLN C 135 42.86 -24.63 0.78
N ASN C 136 41.66 -24.52 0.23
CA ASN C 136 40.71 -23.49 0.61
C ASN C 136 39.71 -23.91 1.75
N LEU C 137 39.95 -25.05 2.38
CA LEU C 137 39.10 -25.52 3.48
C LEU C 137 39.92 -25.53 4.76
N LEU C 138 39.49 -24.77 5.75
CA LEU C 138 40.32 -24.52 6.93
C LEU C 138 39.78 -25.23 8.14
N ILE C 139 40.66 -25.84 8.90
CA ILE C 139 40.31 -26.61 10.04
C ILE C 139 40.90 -26.04 11.35
N ASN C 140 40.17 -26.24 12.44
CA ASN C 140 40.66 -25.79 13.74
C ASN C 140 41.00 -27.00 14.61
N THR C 141 41.36 -26.77 15.86
CA THR C 141 41.72 -27.89 16.71
C THR C 141 40.50 -28.53 17.37
N GLU C 142 39.33 -27.93 17.19
CA GLU C 142 38.10 -28.44 17.82
C GLU C 142 37.28 -29.38 16.92
N GLY C 143 37.80 -29.72 15.76
CA GLY C 143 37.07 -30.53 14.79
C GLY C 143 36.12 -29.82 13.81
N ALA C 144 36.26 -28.52 13.73
CA ALA C 144 35.55 -27.75 12.76
C ALA C 144 36.32 -27.66 11.44
N ILE C 145 35.59 -27.56 10.33
CA ILE C 145 36.15 -27.18 9.02
C ILE C 145 35.27 -26.09 8.42
N LYS C 146 35.89 -25.15 7.71
CA LYS C 146 35.18 -24.03 7.16
C LYS C 146 35.57 -23.73 5.70
N LEU C 147 34.59 -23.36 4.89
CA LEU C 147 34.86 -22.84 3.57
C LEU C 147 35.60 -21.49 3.65
N ALA C 148 36.63 -21.29 2.82
CA ALA C 148 37.37 -20.03 2.80
C ALA C 148 37.77 -19.68 1.37
N ASP C 149 38.39 -18.51 1.21
CA ASP C 149 38.80 -17.91 -0.10
C ASP C 149 37.66 -17.86 -1.07
N PHE C 150 36.90 -16.80 -0.95
CA PHE C 150 35.77 -16.53 -1.80
C PHE C 150 36.17 -15.55 -2.89
N GLY C 151 37.46 -15.42 -3.13
CA GLY C 151 37.97 -14.61 -4.24
C GLY C 151 37.45 -14.95 -5.63
N LEU C 152 36.99 -16.17 -5.80
CA LEU C 152 36.50 -16.64 -7.07
C LEU C 152 34.97 -16.87 -7.11
N ALA C 153 34.33 -16.42 -6.05
CA ALA C 153 32.92 -16.68 -5.83
C ALA C 153 32.12 -15.70 -6.60
N ARG C 154 30.85 -15.96 -6.75
CA ARG C 154 29.96 -14.93 -7.28
C ARG C 154 28.50 -15.07 -6.88
N ALA C 155 27.84 -13.93 -6.85
CA ALA C 155 26.42 -13.90 -6.59
C ALA C 155 25.72 -14.33 -7.84
N PHE C 156 24.96 -15.41 -7.82
CA PHE C 156 24.21 -15.84 -9.02
C PHE C 156 22.75 -15.43 -9.02
N GLY C 157 22.14 -15.50 -10.19
CA GLY C 157 20.73 -15.15 -10.38
C GLY C 157 19.86 -16.39 -10.59
N VAL C 158 18.55 -16.20 -10.58
CA VAL C 158 17.61 -17.28 -10.86
C VAL C 158 16.73 -16.89 -12.03
N PRO C 159 16.86 -17.56 -13.21
CA PRO C 159 17.81 -18.64 -13.48
C PRO C 159 19.18 -18.04 -13.75
N VAL C 160 20.25 -18.85 -13.72
CA VAL C 160 21.60 -18.32 -13.96
C VAL C 160 21.71 -17.85 -15.42
N ARG C 161 22.64 -16.96 -15.68
CA ARG C 161 23.03 -16.71 -17.06
C ARG C 161 24.47 -17.18 -17.20
N THR C 162 25.08 -16.95 -18.35
CA THR C 162 26.42 -17.42 -18.61
C THR C 162 27.39 -16.69 -17.74
N TYR C 163 28.20 -17.43 -17.00
CA TYR C 163 29.18 -16.83 -16.12
C TYR C 163 30.60 -17.14 -16.64
N TPO C 164 31.63 -16.77 -15.86
CA TPO C 164 33.01 -16.92 -16.28
CB TPO C 164 33.95 -16.33 -15.24
CG2 TPO C 164 35.43 -16.31 -15.66
OG1 TPO C 164 33.56 -14.97 -15.07
P TPO C 164 32.96 -14.44 -13.69
O1P TPO C 164 32.67 -12.97 -13.93
O2P TPO C 164 31.72 -15.29 -13.57
O3P TPO C 164 33.99 -14.76 -12.61
C TPO C 164 33.36 -18.35 -16.52
O TPO C 164 33.06 -19.20 -15.67
N HIS C 165 33.98 -18.64 -17.66
CA HIS C 165 34.31 -20.02 -17.99
C HIS C 165 35.55 -20.48 -17.26
N GLU C 166 36.45 -19.54 -17.05
CA GLU C 166 37.78 -19.82 -16.48
C GLU C 166 37.65 -20.13 -15.01
N VAL C 167 37.18 -21.34 -14.72
CA VAL C 167 36.66 -21.54 -13.36
C VAL C 167 36.87 -22.92 -12.72
N VAL C 168 37.21 -22.93 -11.42
CA VAL C 168 37.53 -24.11 -10.57
C VAL C 168 38.89 -24.67 -10.93
N THR C 169 39.69 -24.94 -9.92
CA THR C 169 40.99 -25.61 -10.10
C THR C 169 40.78 -26.91 -10.84
N LEU C 170 41.68 -27.21 -11.78
CA LEU C 170 41.44 -28.26 -12.79
C LEU C 170 40.95 -29.60 -12.21
N TRP C 171 41.67 -30.11 -11.23
CA TRP C 171 41.35 -31.43 -10.64
C TRP C 171 39.90 -31.54 -10.06
N TYR C 172 39.36 -30.42 -9.61
CA TYR C 172 38.07 -30.35 -8.94
C TYR C 172 37.01 -29.79 -9.86
N ARG C 173 37.33 -29.66 -11.13
CA ARG C 173 36.45 -29.02 -12.10
C ARG C 173 35.44 -29.98 -12.71
N ALA C 174 34.20 -29.55 -12.74
CA ALA C 174 33.08 -30.35 -13.19
C ALA C 174 33.04 -30.55 -14.73
N PRO C 175 32.47 -31.67 -15.18
CA PRO C 175 32.52 -31.97 -16.59
C PRO C 175 31.85 -30.90 -17.42
N GLU C 176 30.77 -30.35 -16.92
CA GLU C 176 30.00 -29.35 -17.68
C GLU C 176 30.85 -28.11 -18.02
N ILE C 177 31.80 -27.78 -17.16
CA ILE C 177 32.71 -26.68 -17.39
C ILE C 177 33.78 -27.07 -18.42
N LEU C 178 34.39 -28.23 -18.22
CA LEU C 178 35.33 -28.77 -19.15
C LEU C 178 34.75 -28.87 -20.58
N LEU C 179 33.49 -29.26 -20.67
CA LEU C 179 32.80 -29.37 -21.95
C LEU C 179 32.25 -28.06 -22.51
N GLY C 180 32.50 -26.96 -21.77
CA GLY C 180 32.24 -25.59 -22.28
C GLY C 180 30.76 -25.18 -22.28
N CYS C 181 29.97 -25.81 -21.41
CA CYS C 181 28.55 -25.49 -21.21
C CYS C 181 28.25 -24.03 -21.13
N LYS C 182 27.13 -23.60 -21.72
CA LYS C 182 26.83 -22.18 -21.64
C LYS C 182 26.31 -21.75 -20.22
N TYR C 183 25.70 -22.69 -19.51
CA TYR C 183 25.18 -22.49 -18.17
C TYR C 183 25.75 -23.52 -17.18
N TYR C 184 26.17 -23.05 -16.03
CA TYR C 184 26.52 -23.89 -14.92
C TYR C 184 26.05 -23.19 -13.64
N SER C 185 25.88 -23.95 -12.57
CA SER C 185 25.38 -23.41 -11.32
C SER C 185 25.94 -24.18 -10.14
N THR C 186 25.11 -24.31 -9.12
CA THR C 186 25.48 -24.85 -7.81
C THR C 186 26.06 -26.26 -7.86
N ALA C 187 25.68 -27.02 -8.88
CA ALA C 187 26.20 -28.34 -9.13
C ALA C 187 27.72 -28.36 -9.27
N VAL C 188 28.34 -27.27 -9.72
CA VAL C 188 29.80 -27.30 -9.88
C VAL C 188 30.46 -27.46 -8.54
N ASP C 189 29.88 -26.83 -7.51
CA ASP C 189 30.47 -26.90 -6.17
C ASP C 189 30.31 -28.28 -5.57
N ILE C 190 29.20 -28.91 -5.87
CA ILE C 190 28.94 -30.24 -5.36
C ILE C 190 29.96 -31.21 -5.99
N TRP C 191 30.24 -31.04 -7.27
CA TRP C 191 31.22 -31.88 -7.94
C TRP C 191 32.55 -31.79 -7.22
N SER C 192 32.98 -30.59 -6.95
CA SER C 192 34.21 -30.34 -6.23
C SER C 192 34.27 -31.02 -4.89
N LEU C 193 33.16 -31.02 -4.20
CA LEU C 193 33.09 -31.61 -2.87
C LEU C 193 33.15 -33.11 -2.96
N GLY C 194 32.53 -33.64 -4.02
CA GLY C 194 32.59 -35.07 -4.27
C GLY C 194 34.03 -35.51 -4.47
N CYS C 195 34.78 -34.76 -5.25
CA CYS C 195 36.18 -35.03 -5.48
C CYS C 195 36.93 -35.00 -4.17
N ILE C 196 36.60 -34.02 -3.34
CA ILE C 196 37.29 -33.88 -2.05
C ILE C 196 36.97 -35.04 -1.11
N PHE C 197 35.70 -35.47 -1.09
CA PHE C 197 35.28 -36.61 -0.31
C PHE C 197 36.09 -37.85 -0.71
N ALA C 198 36.12 -38.15 -2.00
CA ALA C 198 36.93 -39.27 -2.51
C ALA C 198 38.39 -39.14 -2.08
N GLU C 199 38.93 -37.94 -2.18
CA GLU C 199 40.34 -37.69 -1.87
C GLU C 199 40.67 -37.90 -0.40
N MET C 200 39.75 -37.57 0.48
CA MET C 200 39.92 -37.85 1.90
C MET C 200 39.98 -39.37 2.16
N VAL C 201 39.18 -40.11 1.43
CA VAL C 201 39.08 -41.57 1.57
C VAL C 201 40.32 -42.34 1.04
N THR C 202 40.67 -42.11 -0.24
CA THR C 202 41.76 -42.79 -0.93
C THR C 202 43.12 -42.14 -0.70
N ARG C 203 43.16 -40.96 -0.10
CA ARG C 203 44.43 -40.27 0.16
C ARG C 203 45.15 -39.76 -1.10
N ARG C 204 44.42 -39.61 -2.18
CA ARG C 204 45.01 -39.12 -3.46
C ARG C 204 43.89 -38.42 -4.19
N ALA C 205 44.27 -37.46 -5.01
CA ALA C 205 43.28 -36.79 -5.83
C ALA C 205 42.56 -37.81 -6.74
N LEU C 206 41.25 -37.67 -6.84
CA LEU C 206 40.42 -38.55 -7.63
C LEU C 206 40.72 -38.43 -9.14
N PHE C 207 40.84 -37.19 -9.65
CA PHE C 207 41.01 -36.91 -11.05
C PHE C 207 42.17 -35.93 -11.24
N PRO C 208 43.40 -36.43 -11.08
CA PRO C 208 44.54 -35.49 -11.17
C PRO C 208 45.01 -35.17 -12.60
N GLY C 209 44.15 -34.51 -13.36
CA GLY C 209 44.44 -34.22 -14.75
C GLY C 209 45.61 -33.25 -14.95
N ASP C 210 46.35 -33.43 -16.05
CA ASP C 210 47.43 -32.49 -16.42
C ASP C 210 47.01 -31.48 -17.49
N SER C 211 45.80 -31.56 -18.01
CA SER C 211 45.29 -30.64 -19.01
C SER C 211 43.79 -30.83 -19.00
N GLU C 212 43.09 -29.93 -19.69
CA GLU C 212 41.63 -30.02 -19.79
C GLU C 212 41.20 -31.36 -20.35
N ILE C 213 41.81 -31.74 -21.47
CA ILE C 213 41.44 -32.96 -22.13
C ILE C 213 41.81 -34.16 -21.26
N ASP C 214 42.97 -34.09 -20.59
CA ASP C 214 43.37 -35.14 -19.70
C ASP C 214 42.40 -35.26 -18.54
N GLN C 215 41.93 -34.11 -18.02
CA GLN C 215 40.98 -34.09 -16.93
C GLN C 215 39.66 -34.80 -17.32
N LEU C 216 39.09 -34.45 -18.46
CA LEU C 216 37.89 -35.10 -18.99
C LEU C 216 38.06 -36.60 -19.07
N PHE C 217 39.13 -37.00 -19.74
CA PHE C 217 39.38 -38.39 -19.99
C PHE C 217 39.58 -39.19 -18.70
N ARG C 218 40.14 -38.56 -17.70
CA ARG C 218 40.27 -39.19 -16.37
C ARG C 218 38.93 -39.39 -15.70
N ILE C 219 38.05 -38.43 -15.89
CA ILE C 219 36.68 -38.52 -15.41
C ILE C 219 35.93 -39.68 -16.13
N PHE C 220 36.01 -39.67 -17.47
CA PHE C 220 35.41 -40.70 -18.29
C PHE C 220 35.86 -42.09 -17.96
N ARG C 221 37.17 -42.26 -17.78
CA ARG C 221 37.74 -43.60 -17.50
C ARG C 221 37.24 -44.16 -16.18
N THR C 222 36.85 -43.28 -15.27
CA THR C 222 36.38 -43.67 -13.97
C THR C 222 34.85 -43.86 -13.91
N LEU C 223 34.10 -42.91 -14.47
CA LEU C 223 32.67 -42.85 -14.38
C LEU C 223 31.99 -43.33 -15.66
N GLY C 224 32.78 -43.64 -16.70
CA GLY C 224 32.29 -44.11 -17.98
C GLY C 224 32.05 -42.91 -18.84
N THR C 225 32.25 -43.03 -20.15
CA THR C 225 31.99 -41.91 -21.04
C THR C 225 30.50 -41.69 -21.10
N PRO C 226 30.06 -40.45 -20.83
CA PRO C 226 28.61 -40.23 -20.80
C PRO C 226 28.01 -40.18 -22.19
N ASP C 227 26.78 -40.66 -22.27
CA ASP C 227 26.00 -40.55 -23.47
C ASP C 227 24.66 -39.87 -23.13
N GLU C 228 23.84 -39.66 -24.16
CA GLU C 228 22.50 -39.01 -24.02
C GLU C 228 21.57 -39.74 -23.04
N VAL C 229 21.81 -41.03 -22.81
CA VAL C 229 20.98 -41.74 -21.87
C VAL C 229 21.32 -41.27 -20.44
N VAL C 230 22.61 -41.31 -20.10
CA VAL C 230 22.97 -40.92 -18.74
C VAL C 230 22.92 -39.41 -18.51
N TRP C 231 23.11 -38.65 -19.57
CA TRP C 231 23.19 -37.22 -19.47
C TRP C 231 22.58 -36.57 -20.71
N PRO C 232 21.22 -36.43 -20.70
CA PRO C 232 20.58 -35.79 -21.84
C PRO C 232 21.25 -34.45 -22.08
N GLY C 233 21.63 -34.20 -23.32
CA GLY C 233 22.26 -32.95 -23.64
C GLY C 233 23.75 -33.02 -23.89
N VAL C 234 24.43 -34.10 -23.45
CA VAL C 234 25.93 -34.14 -23.55
C VAL C 234 26.45 -33.81 -24.95
N THR C 235 25.86 -34.43 -25.92
CA THR C 235 26.43 -34.40 -27.24
C THR C 235 26.24 -33.08 -27.99
N SER C 236 25.45 -32.17 -27.39
CA SER C 236 25.22 -30.81 -27.94
C SER C 236 26.02 -29.75 -27.21
N MET C 237 26.81 -30.21 -26.26
CA MET C 237 27.68 -29.30 -25.58
C MET C 237 28.84 -28.87 -26.47
N PRO C 238 29.27 -27.60 -26.34
CA PRO C 238 30.26 -27.02 -27.25
C PRO C 238 31.57 -27.77 -27.48
N ASP C 239 32.10 -28.39 -26.46
CA ASP C 239 33.39 -29.02 -26.53
C ASP C 239 33.26 -30.52 -26.48
N TYR C 240 32.04 -31.01 -26.62
CA TYR C 240 31.85 -32.44 -26.78
C TYR C 240 32.32 -32.87 -28.15
N LYS C 241 32.96 -34.03 -28.25
CA LYS C 241 33.40 -34.58 -29.54
C LYS C 241 32.97 -36.03 -29.65
N PRO C 242 32.45 -36.41 -30.82
CA PRO C 242 32.10 -37.82 -31.08
C PRO C 242 33.29 -38.78 -31.05
N SER C 243 34.50 -38.26 -31.27
CA SER C 243 35.71 -39.06 -31.18
C SER C 243 36.13 -39.40 -29.73
N PHE C 244 35.48 -38.87 -28.70
CA PHE C 244 35.74 -39.26 -27.32
C PHE C 244 35.73 -40.74 -27.18
N PRO C 245 36.81 -41.33 -26.66
CA PRO C 245 36.83 -42.79 -26.49
C PRO C 245 35.67 -43.16 -25.57
N LYS C 246 35.17 -44.38 -25.68
CA LYS C 246 33.98 -44.77 -24.91
C LYS C 246 34.34 -45.81 -23.86
N TRP C 247 34.76 -45.32 -22.72
CA TRP C 247 35.12 -46.18 -21.60
C TRP C 247 33.91 -46.64 -20.80
N ALA C 248 34.03 -47.83 -20.21
CA ALA C 248 33.04 -48.39 -19.30
C ALA C 248 33.23 -47.84 -17.90
N ARG C 249 32.13 -47.71 -17.18
CA ARG C 249 32.13 -47.17 -15.83
C ARG C 249 32.73 -48.21 -14.89
N GLN C 250 33.56 -47.74 -13.93
CA GLN C 250 34.19 -48.62 -12.94
C GLN C 250 33.24 -48.82 -11.76
N ASP C 251 33.20 -50.07 -11.30
CA ASP C 251 32.51 -50.49 -10.08
C ASP C 251 33.03 -49.68 -8.89
N PHE C 252 32.12 -49.01 -8.17
CA PHE C 252 32.50 -48.00 -7.15
C PHE C 252 33.27 -48.57 -5.94
N SER C 253 33.17 -49.88 -5.76
CA SER C 253 34.01 -50.57 -4.78
C SER C 253 35.48 -50.47 -5.15
N LYS C 254 35.76 -50.14 -6.41
CA LYS C 254 37.13 -49.94 -6.85
C LYS C 254 37.48 -48.49 -6.75
N VAL C 255 36.55 -47.58 -7.07
CA VAL C 255 36.82 -46.13 -7.02
C VAL C 255 37.19 -45.73 -5.58
N VAL C 256 36.38 -46.21 -4.62
CA VAL C 256 36.59 -45.91 -3.21
C VAL C 256 36.41 -47.15 -2.35
N PRO C 257 37.44 -48.02 -2.35
CA PRO C 257 37.33 -49.29 -1.61
C PRO C 257 36.83 -49.23 -0.15
N PRO C 258 37.40 -48.37 0.73
CA PRO C 258 37.01 -48.38 2.15
C PRO C 258 35.61 -47.91 2.50
N LEU C 259 34.93 -47.31 1.54
CA LEU C 259 33.60 -46.80 1.75
C LEU C 259 32.53 -47.90 1.82
N ASP C 260 31.59 -47.68 2.71
CA ASP C 260 30.36 -48.51 2.89
C ASP C 260 29.39 -48.21 1.74
N GLU C 261 28.37 -49.04 1.60
CA GLU C 261 27.27 -48.83 0.63
C GLU C 261 26.70 -47.38 0.63
N ASP C 262 26.54 -46.80 1.81
CA ASP C 262 25.95 -45.46 1.94
C ASP C 262 26.88 -44.40 1.41
N GLY C 263 28.14 -44.55 1.76
CA GLY C 263 29.20 -43.68 1.28
C GLY C 263 29.32 -43.71 -0.22
N ARG C 264 29.30 -44.90 -0.79
CA ARG C 264 29.36 -45.04 -2.24
C ARG C 264 28.12 -44.43 -2.87
N SER C 265 26.95 -44.65 -2.25
CA SER C 265 25.73 -44.05 -2.74
C SER C 265 25.84 -42.53 -2.80
N LEU C 266 26.31 -41.92 -1.71
CA LEU C 266 26.44 -40.48 -1.70
C LEU C 266 27.43 -39.98 -2.73
N LEU C 267 28.60 -40.59 -2.75
CA LEU C 267 29.64 -40.14 -3.66
C LEU C 267 29.15 -40.18 -5.09
N SER C 268 28.46 -41.25 -5.47
CA SER C 268 27.95 -41.36 -6.85
C SER C 268 26.87 -40.34 -7.15
N GLN C 269 26.16 -39.86 -6.15
CA GLN C 269 25.19 -38.79 -6.39
C GLN C 269 25.83 -37.43 -6.54
N MET C 270 26.92 -37.22 -5.80
CA MET C 270 27.70 -35.97 -5.89
C MET C 270 28.47 -35.91 -7.20
N LEU C 271 28.71 -37.05 -7.82
CA LEU C 271 29.44 -37.10 -9.09
C LEU C 271 28.57 -37.46 -10.30
N HIS C 272 27.26 -37.37 -10.17
CA HIS C 272 26.35 -37.58 -11.27
C HIS C 272 26.72 -36.59 -12.37
N TYR C 273 26.77 -37.09 -13.60
CA TYR C 273 27.16 -36.27 -14.75
C TYR C 273 26.19 -35.12 -15.03
N ASP C 274 24.91 -35.44 -15.08
CA ASP C 274 23.86 -34.46 -15.36
C ASP C 274 23.73 -33.52 -14.20
N PRO C 275 24.13 -32.25 -14.38
CA PRO C 275 24.09 -31.30 -13.26
C PRO C 275 22.71 -31.20 -12.67
N ASN C 276 21.68 -31.25 -13.49
CA ASN C 276 20.32 -31.30 -12.98
C ASN C 276 20.01 -32.46 -12.00
N LYS C 277 20.62 -33.62 -12.17
CA LYS C 277 20.36 -34.74 -11.27
C LYS C 277 21.39 -34.87 -10.18
N ARG C 278 22.49 -34.15 -10.29
CA ARG C 278 23.48 -34.13 -9.23
C ARG C 278 22.85 -33.67 -7.93
N ILE C 279 23.14 -34.35 -6.83
CA ILE C 279 22.53 -34.01 -5.56
C ILE C 279 22.87 -32.58 -5.09
N SER C 280 21.89 -31.93 -4.45
CA SER C 280 22.07 -30.59 -3.85
C SER C 280 22.76 -30.76 -2.49
N ALA C 281 23.43 -29.73 -2.01
CA ALA C 281 24.02 -29.79 -0.67
C ALA C 281 22.94 -30.07 0.36
N LYS C 282 21.81 -29.38 0.20
CA LYS C 282 20.63 -29.53 1.07
C LYS C 282 20.21 -31.00 1.21
N ALA C 283 19.94 -31.62 0.07
CA ALA C 283 19.58 -33.05 -0.03
C ALA C 283 20.67 -33.99 0.48
N ALA C 284 21.94 -33.65 0.28
CA ALA C 284 23.02 -34.50 0.74
C ALA C 284 23.09 -34.58 2.28
N LEU C 285 22.72 -33.53 2.96
CA LEU C 285 22.69 -33.49 4.41
C LEU C 285 21.73 -34.49 4.98
N ALA C 286 20.69 -34.79 4.22
CA ALA C 286 19.69 -35.79 4.61
C ALA C 286 20.04 -37.21 4.19
N HIS C 287 21.20 -37.41 3.54
CA HIS C 287 21.57 -38.71 3.05
C HIS C 287 21.89 -39.64 4.22
N PRO C 288 21.48 -40.91 4.12
CA PRO C 288 21.69 -41.91 5.18
C PRO C 288 23.13 -42.03 5.66
N PHE C 289 24.09 -41.75 4.82
CA PHE C 289 25.50 -41.69 5.19
C PHE C 289 25.67 -40.88 6.48
N PHE C 290 24.91 -39.80 6.61
CA PHE C 290 25.07 -38.94 7.78
C PHE C 290 24.23 -39.24 9.02
N GLN C 291 23.45 -40.32 9.00
CA GLN C 291 22.57 -40.65 10.09
C GLN C 291 23.31 -40.65 11.47
N ASP C 292 24.53 -41.20 11.50
CA ASP C 292 25.30 -41.36 12.73
C ASP C 292 26.47 -40.38 12.79
N VAL C 293 26.35 -39.26 12.11
CA VAL C 293 27.44 -38.29 12.13
C VAL C 293 27.75 -37.78 13.54
N THR C 294 29.05 -37.74 13.83
CA THR C 294 29.59 -37.30 15.11
C THR C 294 30.47 -36.09 14.82
N LYS C 295 31.14 -35.55 15.83
CA LYS C 295 32.14 -34.44 15.60
C LYS C 295 33.48 -34.75 16.28
N PRO C 296 34.29 -35.65 15.70
CA PRO C 296 35.61 -35.94 16.27
C PRO C 296 36.55 -34.75 16.25
N VAL C 297 37.48 -34.76 17.17
CA VAL C 297 38.60 -33.80 17.17
C VAL C 297 39.73 -34.41 16.34
N PRO C 298 40.36 -33.64 15.41
CA PRO C 298 41.33 -34.17 14.42
C PRO C 298 42.56 -34.91 14.95
N PRO D 2 14.34 -25.20 -10.06
CA PRO D 2 15.29 -26.02 -9.29
C PRO D 2 14.93 -26.12 -7.79
N ASP D 3 15.92 -25.97 -6.90
CA ASP D 3 15.68 -26.27 -5.50
C ASP D 3 15.58 -24.96 -4.77
N TYR D 4 16.77 -24.44 -4.43
CA TYR D 4 17.03 -23.24 -3.60
C TYR D 4 16.26 -21.99 -3.98
N HIS D 5 15.42 -22.10 -4.99
CA HIS D 5 14.69 -20.99 -5.53
C HIS D 5 13.84 -20.25 -4.51
N GLU D 6 13.20 -20.99 -3.62
CA GLU D 6 12.39 -20.41 -2.57
C GLU D 6 13.23 -19.77 -1.48
N ASP D 7 14.32 -20.45 -1.11
CA ASP D 7 15.24 -19.90 -0.12
C ASP D 7 15.82 -18.60 -0.64
N ILE D 8 16.22 -18.57 -1.91
CA ILE D 8 16.81 -17.41 -2.49
C ILE D 8 15.82 -16.27 -2.55
N HIS D 9 14.64 -16.53 -3.08
CA HIS D 9 13.56 -15.52 -3.10
C HIS D 9 13.32 -14.89 -1.73
N THR D 10 13.17 -15.76 -0.75
CA THR D 10 12.98 -15.32 0.60
C THR D 10 14.11 -14.39 1.08
N TYR D 11 15.33 -14.83 0.85
CA TYR D 11 16.51 -14.09 1.28
C TYR D 11 16.65 -12.75 0.55
N LEU D 12 16.32 -12.69 -0.74
CA LEU D 12 16.35 -11.42 -1.47
C LEU D 12 15.25 -10.47 -0.96
N ARG D 13 14.14 -11.02 -0.50
CA ARG D 13 13.05 -10.23 0.09
C ARG D 13 13.53 -9.62 1.41
N GLU D 14 14.27 -10.38 2.20
CA GLU D 14 14.97 -9.77 3.38
C GLU D 14 16.00 -8.69 2.98
N MET D 15 16.85 -8.95 2.00
CA MET D 15 17.91 -8.03 1.65
C MET D 15 17.42 -6.76 0.97
N GLU D 16 16.34 -6.84 0.19
CA GLU D 16 15.89 -5.58 -0.45
C GLU D 16 15.45 -4.54 0.57
N VAL D 17 15.04 -4.97 1.78
CA VAL D 17 14.71 -3.96 2.81
C VAL D 17 15.99 -3.31 3.35
N LYS D 18 17.03 -4.09 3.60
CA LYS D 18 18.31 -3.50 4.12
C LYS D 18 19.12 -2.65 3.11
N CYS D 19 18.96 -2.91 1.79
CA CYS D 19 19.63 -2.17 0.73
C CYS D 19 18.80 -1.01 0.11
N LYS D 20 17.65 -0.71 0.69
CA LYS D 20 16.81 0.33 0.22
C LYS D 20 17.40 1.70 0.63
N PRO D 21 17.62 2.60 -0.34
CA PRO D 21 17.97 4.00 0.01
C PRO D 21 16.87 4.69 0.71
N LYS D 22 17.14 5.88 1.18
CA LYS D 22 16.17 6.68 1.90
C LYS D 22 15.26 7.35 0.88
N VAL D 23 13.96 7.10 0.97
CA VAL D 23 12.98 7.65 0.01
C VAL D 23 13.01 9.18 -0.12
N GLY D 24 13.31 9.90 0.96
CA GLY D 24 13.27 11.36 0.94
C GLY D 24 14.55 12.11 0.50
N TYR D 25 15.62 11.37 0.20
CA TYR D 25 16.99 11.87 0.15
C TYR D 25 17.28 13.11 -0.75
N MET D 26 16.60 13.24 -1.86
CA MET D 26 16.95 14.33 -2.79
C MET D 26 16.60 15.71 -2.22
N LYS D 27 15.59 15.76 -1.37
CA LYS D 27 15.21 16.98 -0.64
C LYS D 27 16.31 17.42 0.32
N LYS D 28 17.11 16.45 0.79
CA LYS D 28 18.23 16.76 1.70
C LYS D 28 19.52 17.06 0.92
N GLN D 29 19.51 16.92 -0.42
CA GLN D 29 20.63 17.30 -1.27
C GLN D 29 20.58 18.76 -1.69
N PRO D 30 21.51 19.56 -1.18
CA PRO D 30 21.42 20.98 -1.51
C PRO D 30 21.57 21.33 -3.00
N ASP D 31 22.39 20.60 -3.74
CA ASP D 31 22.75 21.04 -5.09
C ASP D 31 22.29 20.13 -6.22
N ILE D 32 21.74 18.97 -5.89
CA ILE D 32 21.27 18.10 -6.97
C ILE D 32 19.79 17.83 -6.88
N THR D 33 19.20 17.42 -7.98
CA THR D 33 17.76 17.24 -8.05
C THR D 33 17.47 15.91 -8.70
N ASN D 34 16.19 15.54 -8.68
CA ASN D 34 15.70 14.31 -9.32
C ASN D 34 15.89 14.34 -10.82
N SER D 35 15.77 15.53 -11.39
CA SER D 35 16.00 15.77 -12.83
C SER D 35 17.47 15.55 -13.17
N MET D 36 18.39 16.07 -12.38
CA MET D 36 19.82 15.73 -12.59
C MET D 36 20.09 14.22 -12.47
N ARG D 37 19.41 13.57 -11.52
CA ARG D 37 19.56 12.15 -11.34
C ARG D 37 19.08 11.35 -12.55
N ALA D 38 17.99 11.80 -13.12
CA ALA D 38 17.37 11.17 -14.30
C ALA D 38 18.35 11.18 -15.49
N ILE D 39 18.97 12.35 -15.67
CA ILE D 39 19.98 12.56 -16.70
C ILE D 39 21.11 11.63 -16.48
N LEU D 40 21.58 11.52 -15.22
CA LEU D 40 22.70 10.65 -14.90
C LEU D 40 22.37 9.21 -15.26
N VAL D 41 21.21 8.78 -14.83
CA VAL D 41 20.81 7.39 -15.03
C VAL D 41 20.59 7.09 -16.53
N ASP D 42 20.07 8.06 -17.25
CA ASP D 42 19.88 7.93 -18.71
C ASP D 42 21.26 7.82 -19.38
N TRP D 43 22.25 8.61 -18.94
CA TRP D 43 23.59 8.43 -19.47
C TRP D 43 24.15 7.02 -19.16
N LEU D 44 23.88 6.48 -17.97
CA LEU D 44 24.39 5.15 -17.65
C LEU D 44 23.77 4.09 -18.55
N VAL D 45 22.52 4.30 -18.91
CA VAL D 45 21.86 3.43 -19.89
C VAL D 45 22.67 3.40 -21.18
N GLU D 46 22.99 4.58 -21.72
CA GLU D 46 23.86 4.70 -22.91
C GLU D 46 25.19 3.97 -22.75
N VAL D 47 25.79 4.16 -21.57
CA VAL D 47 27.07 3.52 -21.29
C VAL D 47 26.90 1.99 -21.33
N GLY D 48 25.84 1.47 -20.73
CA GLY D 48 25.61 0.03 -20.78
C GLY D 48 25.53 -0.52 -22.20
N GLU D 49 24.91 0.28 -23.07
CA GLU D 49 24.76 -0.13 -24.47
C GLU D 49 26.08 -0.13 -25.16
N GLU D 50 26.75 1.00 -25.06
CA GLU D 50 28.04 1.20 -25.67
C GLU D 50 29.02 0.05 -25.31
N TYR D 51 29.04 -0.37 -24.05
CA TYR D 51 29.97 -1.44 -23.65
C TYR D 51 29.34 -2.79 -23.61
N LYS D 52 28.10 -2.85 -24.03
CA LYS D 52 27.33 -4.09 -24.04
C LYS D 52 27.30 -4.73 -22.64
N LEU D 53 26.94 -3.90 -21.64
CA LEU D 53 26.92 -4.40 -20.26
C LEU D 53 25.62 -5.07 -19.98
N GLN D 54 25.62 -5.99 -19.02
CA GLN D 54 24.35 -6.60 -18.57
C GLN D 54 23.39 -5.56 -18.03
N ASN D 55 22.11 -5.74 -18.23
CA ASN D 55 21.12 -4.92 -17.57
C ASN D 55 21.22 -4.96 -16.04
N GLU D 56 21.64 -6.09 -15.49
CA GLU D 56 21.82 -6.22 -14.04
C GLU D 56 22.84 -5.20 -13.56
N THR D 57 23.89 -5.03 -14.32
CA THR D 57 24.95 -4.08 -14.00
C THR D 57 24.41 -2.64 -13.85
N LEU D 58 23.59 -2.25 -14.80
CA LEU D 58 22.86 -0.99 -14.77
C LEU D 58 22.05 -0.84 -13.45
N HIS D 59 21.30 -1.88 -13.09
CA HIS D 59 20.44 -1.77 -11.94
C HIS D 59 21.26 -1.63 -10.65
N LEU D 60 22.30 -2.47 -10.54
CA LEU D 60 23.24 -2.38 -9.45
C LEU D 60 23.86 -0.99 -9.32
N ALA D 61 24.30 -0.43 -10.44
CA ALA D 61 24.92 0.86 -10.36
C ALA D 61 23.98 1.92 -9.79
N VAL D 62 22.72 1.85 -10.20
CA VAL D 62 21.70 2.78 -9.73
C VAL D 62 21.49 2.66 -8.20
N ASN D 63 21.45 1.41 -7.72
CA ASN D 63 21.33 1.13 -6.33
C ASN D 63 22.52 1.74 -5.56
N TYR D 64 23.72 1.56 -6.09
CA TYR D 64 24.91 2.07 -5.43
C TYR D 64 24.80 3.61 -5.35
N ILE D 65 24.40 4.25 -6.44
CA ILE D 65 24.26 5.69 -6.48
C ILE D 65 23.19 6.23 -5.52
N ASP D 66 22.01 5.59 -5.52
CA ASP D 66 20.97 6.00 -4.58
C ASP D 66 21.38 5.85 -3.12
N ARG D 67 22.07 4.78 -2.77
CA ARG D 67 22.54 4.60 -1.39
C ARG D 67 23.65 5.56 -1.03
N PHE D 68 24.53 5.86 -1.97
CA PHE D 68 25.64 6.81 -1.76
C PHE D 68 25.09 8.20 -1.54
N LEU D 69 24.15 8.61 -2.38
CA LEU D 69 23.55 9.93 -2.23
C LEU D 69 22.63 10.05 -1.03
N SER D 70 22.20 8.94 -0.48
CA SER D 70 21.41 8.95 0.73
C SER D 70 22.26 9.37 1.94
N SER D 71 23.58 9.23 1.85
CA SER D 71 24.48 9.51 2.98
C SER D 71 25.46 10.65 2.67
N MET D 72 25.68 10.97 1.42
CA MET D 72 26.74 11.90 1.10
C MET D 72 26.27 13.00 0.23
N SER D 73 26.48 14.24 0.68
CA SER D 73 26.17 15.43 -0.11
C SER D 73 27.17 15.53 -1.27
N VAL D 74 26.63 15.85 -2.44
CA VAL D 74 27.39 15.89 -3.68
C VAL D 74 27.01 17.11 -4.47
N LEU D 75 28.02 17.89 -4.82
CA LEU D 75 27.82 18.99 -5.76
C LEU D 75 27.57 18.43 -7.19
N ARG D 76 26.83 19.19 -7.99
CA ARG D 76 26.36 18.74 -9.31
C ARG D 76 27.52 18.39 -10.26
N GLY D 77 28.61 19.13 -10.13
CA GLY D 77 29.81 18.90 -10.93
C GLY D 77 30.47 17.57 -10.64
N LYS D 78 30.12 16.95 -9.51
CA LYS D 78 30.71 15.66 -9.12
C LYS D 78 29.73 14.51 -9.21
N LEU D 79 28.49 14.79 -9.56
CA LEU D 79 27.50 13.72 -9.68
C LEU D 79 27.89 12.66 -10.70
N GLN D 80 28.39 13.08 -11.87
CA GLN D 80 28.79 12.11 -12.87
C GLN D 80 30.01 11.26 -12.40
N LEU D 81 30.89 11.86 -11.63
CA LEU D 81 31.98 11.09 -11.01
C LEU D 81 31.49 9.96 -10.09
N VAL D 82 30.48 10.26 -9.30
CA VAL D 82 29.84 9.24 -8.46
C VAL D 82 29.25 8.14 -9.34
N GLY D 83 28.55 8.56 -10.38
CA GLY D 83 27.90 7.62 -11.31
C GLY D 83 28.86 6.71 -12.07
N THR D 84 30.01 7.28 -12.49
CA THR D 84 31.05 6.53 -13.18
C THR D 84 31.73 5.49 -12.31
N ALA D 85 32.09 5.87 -11.09
CA ALA D 85 32.57 4.98 -10.08
C ALA D 85 31.53 3.87 -9.77
N ALA D 86 30.26 4.23 -9.63
CA ALA D 86 29.24 3.22 -9.37
C ALA D 86 29.14 2.19 -10.48
N MET D 87 29.18 2.66 -11.73
CA MET D 87 29.10 1.76 -12.90
C MET D 87 30.31 0.88 -12.95
N LEU D 88 31.46 1.43 -12.57
CA LEU D 88 32.71 0.68 -12.52
C LEU D 88 32.63 -0.46 -11.51
N LEU D 89 32.14 -0.13 -10.35
CA LEU D 89 31.99 -1.13 -9.31
C LEU D 89 30.98 -2.21 -9.67
N ALA D 90 29.87 -1.81 -10.26
CA ALA D 90 28.86 -2.78 -10.59
C ALA D 90 29.40 -3.70 -11.66
N SER D 91 30.14 -3.16 -12.61
CA SER D 91 30.82 -3.98 -13.64
C SER D 91 31.77 -4.97 -13.00
N LYS D 92 32.60 -4.50 -12.07
CA LYS D 92 33.52 -5.41 -11.40
C LYS D 92 32.76 -6.53 -10.67
N PHE D 93 31.63 -6.16 -10.05
CA PHE D 93 30.85 -7.15 -9.34
C PHE D 93 30.23 -8.14 -10.29
N GLU D 94 29.64 -7.65 -11.37
CA GLU D 94 28.69 -8.41 -12.17
C GLU D 94 29.17 -8.96 -13.49
N GLU D 95 30.07 -8.26 -14.15
CA GLU D 95 30.53 -8.62 -15.50
C GLU D 95 31.62 -9.68 -15.55
N ILE D 96 31.49 -10.57 -16.52
CA ILE D 96 32.59 -11.46 -16.87
C ILE D 96 33.81 -10.64 -17.32
N TYR D 97 33.60 -9.67 -18.21
CA TYR D 97 34.67 -8.77 -18.65
C TYR D 97 34.31 -7.37 -18.42
N PRO D 98 34.60 -6.89 -17.21
CA PRO D 98 34.34 -5.48 -17.02
C PRO D 98 35.25 -4.59 -17.92
N PRO D 99 34.70 -3.47 -18.42
CA PRO D 99 35.57 -2.51 -19.06
C PRO D 99 36.69 -2.06 -18.11
N GLU D 100 37.83 -1.67 -18.67
CA GLU D 100 38.93 -1.20 -17.85
C GLU D 100 38.63 0.20 -17.39
N VAL D 101 39.37 0.63 -16.38
CA VAL D 101 39.20 1.94 -15.77
C VAL D 101 39.32 3.06 -16.82
N ALA D 102 40.26 2.96 -17.73
CA ALA D 102 40.48 3.97 -18.78
C ALA D 102 39.24 4.14 -19.61
N GLU D 103 38.53 3.05 -19.89
CA GLU D 103 37.29 3.09 -20.64
C GLU D 103 36.28 3.95 -19.85
N PHE D 104 36.19 3.78 -18.54
CA PHE D 104 35.33 4.65 -17.74
C PHE D 104 35.83 6.10 -17.64
N VAL D 105 37.14 6.33 -17.71
CA VAL D 105 37.63 7.70 -17.84
C VAL D 105 37.20 8.26 -19.18
N TYR D 106 37.42 7.51 -20.24
CA TYR D 106 37.08 7.96 -21.60
C TYR D 106 35.65 8.42 -21.77
N ILE D 107 34.71 7.63 -21.26
CA ILE D 107 33.31 8.01 -21.41
C ILE D 107 32.91 9.27 -20.66
N THR D 108 33.66 9.69 -19.66
CA THR D 108 33.29 10.91 -19.02
C THR D 108 33.95 12.07 -19.74
N THR D 111 34.42 15.34 -17.96
CA THR D 111 35.86 15.06 -17.69
C THR D 111 36.45 15.23 -16.24
N TYR D 112 36.74 14.04 -15.76
CA TYR D 112 37.46 13.76 -14.55
C TYR D 112 38.77 13.13 -14.97
N THR D 113 39.74 13.13 -14.08
CA THR D 113 40.95 12.33 -14.29
C THR D 113 40.78 10.87 -13.84
N LYS D 114 41.63 9.98 -14.31
CA LYS D 114 41.67 8.60 -13.87
C LYS D 114 41.83 8.49 -12.36
N LYS D 115 42.73 9.27 -11.81
CA LYS D 115 42.95 9.22 -10.38
C LYS D 115 41.64 9.51 -9.60
N GLN D 116 40.89 10.49 -10.07
CA GLN D 116 39.64 10.81 -9.46
C GLN D 116 38.62 9.70 -9.48
N VAL D 117 38.52 9.06 -10.61
CA VAL D 117 37.62 7.94 -10.74
C VAL D 117 38.00 6.81 -9.75
N LEU D 118 39.26 6.57 -9.66
CA LEU D 118 39.79 5.51 -8.88
C LEU D 118 39.65 5.82 -7.34
N ARG D 119 39.88 7.06 -6.99
CA ARG D 119 39.64 7.56 -5.64
C ARG D 119 38.13 7.52 -5.28
N MET D 120 37.26 7.96 -6.17
CA MET D 120 35.82 7.80 -5.95
C MET D 120 35.42 6.34 -5.78
N GLU D 121 35.99 5.45 -6.54
CA GLU D 121 35.68 4.07 -6.38
C GLU D 121 35.89 3.64 -4.92
N HIS D 122 37.04 3.99 -4.38
CA HIS D 122 37.35 3.61 -3.02
C HIS D 122 36.37 4.29 -2.00
N LEU D 123 36.04 5.57 -2.20
CA LEU D 123 35.09 6.26 -1.36
C LEU D 123 33.71 5.62 -1.43
N VAL D 124 33.24 5.31 -2.65
CA VAL D 124 31.96 4.61 -2.79
C VAL D 124 31.95 3.31 -1.99
N LEU D 125 32.99 2.50 -2.13
CA LEU D 125 33.11 1.27 -1.36
C LEU D 125 33.06 1.46 0.15
N LYS D 126 33.70 2.53 0.63
CA LYS D 126 33.69 2.83 2.04
C LYS D 126 32.28 3.24 2.50
N VAL D 127 31.65 4.15 1.77
CA VAL D 127 30.33 4.64 2.12
C VAL D 127 29.31 3.48 2.10
N LEU D 128 29.43 2.55 1.14
CA LEU D 128 28.53 1.41 1.06
C LEU D 128 28.97 0.24 1.92
N THR D 129 30.07 0.42 2.67
CA THR D 129 30.77 -0.62 3.44
C THR D 129 30.88 -1.93 2.74
N PHE D 130 31.21 -1.87 1.45
CA PHE D 130 31.35 -3.06 0.62
C PHE D 130 30.10 -3.92 0.46
N ASP D 131 28.91 -3.40 0.81
CA ASP D 131 27.70 -4.13 0.66
C ASP D 131 27.11 -3.93 -0.77
N LEU D 132 27.64 -4.74 -1.70
CA LEU D 132 27.38 -4.55 -3.12
C LEU D 132 26.42 -5.55 -3.72
N ALA D 133 26.15 -6.63 -3.01
CA ALA D 133 25.28 -7.68 -3.50
C ALA D 133 23.79 -7.38 -3.26
N ALA D 134 23.33 -6.27 -3.82
CA ALA D 134 22.02 -5.70 -3.66
C ALA D 134 21.03 -6.35 -4.59
N PRO D 135 19.83 -6.68 -4.08
CA PRO D 135 18.77 -7.20 -4.97
C PRO D 135 18.26 -6.11 -5.87
N THR D 136 17.86 -6.47 -7.07
CA THR D 136 17.42 -5.48 -8.04
C THR D 136 16.08 -5.88 -8.64
N VAL D 137 15.44 -4.91 -9.27
CA VAL D 137 14.24 -5.17 -10.06
C VAL D 137 14.47 -6.34 -11.00
N ASN D 138 15.60 -6.28 -11.68
CA ASN D 138 15.96 -7.33 -12.60
C ASN D 138 16.07 -8.74 -12.01
N GLN D 139 16.64 -8.87 -10.84
CA GLN D 139 16.77 -10.19 -10.23
C GLN D 139 15.40 -10.81 -9.85
N PHE D 140 14.43 -9.95 -9.57
CA PHE D 140 13.11 -10.42 -9.27
C PHE D 140 12.39 -10.80 -10.53
N LEU D 141 12.48 -9.95 -11.56
CA LEU D 141 11.85 -10.25 -12.85
C LEU D 141 12.22 -11.62 -13.40
N THR D 142 13.51 -11.88 -13.37
CA THR D 142 14.10 -13.08 -13.86
C THR D 142 13.46 -14.34 -13.22
N GLN D 143 13.21 -14.28 -11.92
CA GLN D 143 12.48 -15.37 -11.24
C GLN D 143 11.00 -15.38 -11.61
N TYR D 144 10.43 -14.18 -11.77
CA TYR D 144 9.01 -14.12 -12.15
C TYR D 144 8.81 -14.71 -13.55
N PHE D 145 9.78 -14.54 -14.41
CA PHE D 145 9.73 -15.03 -15.80
C PHE D 145 9.59 -16.55 -15.86
N LEU D 146 10.03 -17.27 -14.84
CA LEU D 146 9.82 -18.72 -14.81
C LEU D 146 8.33 -19.14 -14.68
N HIS D 147 7.41 -18.22 -14.51
CA HIS D 147 6.02 -18.53 -14.32
C HIS D 147 5.09 -18.31 -15.49
N GLN D 148 5.50 -17.61 -16.54
CA GLN D 148 4.55 -17.30 -17.64
C GLN D 148 4.13 -18.59 -18.27
N GLN D 149 2.90 -18.65 -18.75
CA GLN D 149 2.37 -19.90 -19.37
C GLN D 149 1.76 -19.59 -20.73
N PRO D 150 2.47 -19.83 -21.87
CA PRO D 150 3.86 -20.26 -21.94
C PRO D 150 4.79 -19.05 -21.92
N ALA D 151 6.09 -19.33 -21.94
CA ALA D 151 7.11 -18.26 -22.03
C ALA D 151 6.87 -17.42 -23.28
N ASN D 152 7.07 -16.14 -23.12
CA ASN D 152 6.85 -15.12 -24.17
C ASN D 152 7.93 -14.05 -24.20
N CYS D 153 8.60 -13.98 -25.33
CA CYS D 153 9.69 -13.05 -25.59
C CYS D 153 9.43 -11.60 -25.29
N LYS D 154 8.33 -11.15 -25.85
CA LYS D 154 7.98 -9.74 -25.78
C LYS D 154 7.58 -9.40 -24.40
N VAL D 155 6.98 -10.33 -23.68
CA VAL D 155 6.58 -10.08 -22.31
C VAL D 155 7.82 -9.82 -21.46
N GLU D 156 8.84 -10.63 -21.66
CA GLU D 156 10.09 -10.48 -20.92
C GLU D 156 10.77 -9.16 -21.24
N SER D 157 10.96 -8.86 -22.53
CA SER D 157 11.69 -7.67 -22.94
C SER D 157 10.90 -6.41 -22.50
N LEU D 158 9.57 -6.44 -22.64
CA LEU D 158 8.73 -5.30 -22.26
C LEU D 158 8.79 -5.07 -20.74
N ALA D 159 8.81 -6.14 -19.99
CA ALA D 159 8.93 -6.07 -18.54
C ALA D 159 10.25 -5.45 -18.12
N MET D 160 11.33 -5.91 -18.75
CA MET D 160 12.64 -5.39 -18.49
C MET D 160 12.69 -3.91 -18.82
N PHE D 161 12.12 -3.54 -19.95
CA PHE D 161 11.98 -2.13 -20.37
C PHE D 161 11.26 -1.25 -19.34
N LEU D 162 10.14 -1.74 -18.82
CA LEU D 162 9.36 -1.01 -17.85
C LEU D 162 10.08 -0.94 -16.51
N GLY D 163 10.71 -2.03 -16.11
CA GLY D 163 11.55 -1.95 -14.89
C GLY D 163 12.69 -0.93 -15.05
N GLU D 164 13.23 -0.86 -16.25
CA GLU D 164 14.32 0.05 -16.53
C GLU D 164 13.84 1.50 -16.49
N LEU D 165 12.68 1.77 -17.06
CA LEU D 165 12.12 3.12 -17.01
C LEU D 165 11.97 3.59 -15.57
N SER D 166 11.65 2.67 -14.66
CA SER D 166 11.48 3.01 -13.28
C SER D 166 12.79 3.58 -12.66
N LEU D 167 13.96 3.11 -13.13
CA LEU D 167 15.23 3.59 -12.64
C LEU D 167 15.46 5.07 -12.80
N ILE D 168 14.74 5.65 -13.73
CA ILE D 168 15.01 7.02 -14.17
C ILE D 168 14.43 8.03 -13.23
N ASP D 169 13.27 7.69 -12.70
CA ASP D 169 12.44 8.61 -11.93
C ASP D 169 12.39 8.33 -10.45
N ALA D 170 13.23 9.02 -9.69
CA ALA D 170 13.33 8.80 -8.25
C ALA D 170 11.96 9.06 -7.61
N ASP D 171 11.31 10.11 -8.09
CA ASP D 171 9.94 10.38 -7.76
C ASP D 171 9.10 9.89 -8.98
N PRO D 172 8.32 8.78 -8.80
CA PRO D 172 7.99 8.11 -7.52
C PRO D 172 8.71 6.81 -7.15
N TYR D 173 9.61 6.29 -7.96
CA TYR D 173 9.96 4.84 -7.84
C TYR D 173 10.84 4.44 -6.66
N LEU D 174 11.58 5.37 -6.11
CA LEU D 174 12.30 5.13 -4.84
C LEU D 174 11.44 4.59 -3.70
N LYS D 175 10.15 4.90 -3.68
CA LYS D 175 9.29 4.43 -2.58
C LYS D 175 8.83 2.96 -2.76
N TYR D 176 9.14 2.34 -3.90
CA TYR D 176 8.77 0.94 -4.08
C TYR D 176 10.00 0.05 -4.00
N LEU D 177 9.81 -1.10 -3.37
CA LEU D 177 10.81 -2.14 -3.34
C LEU D 177 10.96 -2.77 -4.71
N PRO D 178 12.17 -3.26 -5.03
CA PRO D 178 12.46 -3.95 -6.26
C PRO D 178 11.49 -5.05 -6.63
N SER D 179 11.12 -5.88 -5.68
CA SER D 179 10.18 -6.98 -5.90
C SER D 179 8.78 -6.57 -6.35
N VAL D 180 8.35 -5.43 -5.84
CA VAL D 180 7.06 -4.86 -6.16
C VAL D 180 7.08 -4.18 -7.50
N ILE D 181 8.11 -3.41 -7.78
CA ILE D 181 8.26 -2.82 -9.11
C ILE D 181 8.34 -3.95 -10.16
N ALA D 182 9.09 -4.97 -9.87
CA ALA D 182 9.17 -6.10 -10.76
C ALA D 182 7.80 -6.71 -11.00
N GLY D 183 7.02 -6.82 -9.94
CA GLY D 183 5.68 -7.38 -10.02
C GLY D 183 4.81 -6.58 -10.94
N ALA D 184 4.75 -5.28 -10.68
CA ALA D 184 4.02 -4.33 -11.54
C ALA D 184 4.44 -4.41 -12.97
N ALA D 185 5.77 -4.40 -13.19
CA ALA D 185 6.30 -4.40 -14.55
C ALA D 185 5.95 -5.68 -15.27
N PHE D 186 6.06 -6.81 -14.56
CA PHE D 186 5.73 -8.08 -15.14
C PHE D 186 4.23 -8.14 -15.57
N HIS D 187 3.35 -7.81 -14.64
CA HIS D 187 1.93 -7.77 -14.91
C HIS D 187 1.57 -6.79 -16.02
N LEU D 188 2.15 -5.60 -15.97
CA LEU D 188 1.88 -4.59 -17.00
C LEU D 188 2.27 -5.13 -18.38
N ALA D 189 3.42 -5.80 -18.47
CA ALA D 189 3.93 -6.37 -19.73
C ALA D 189 3.07 -7.53 -20.20
N LEU D 190 2.74 -8.41 -19.28
CA LEU D 190 1.92 -9.56 -19.58
C LEU D 190 0.59 -9.09 -20.15
N TYR D 191 -0.05 -8.14 -19.46
CA TYR D 191 -1.38 -7.64 -19.88
C TYR D 191 -1.30 -6.92 -21.20
N THR D 192 -0.23 -6.14 -21.43
CA THR D 192 -0.06 -5.40 -22.68
C THR D 192 0.04 -6.35 -23.85
N VAL D 193 0.85 -7.37 -23.72
CA VAL D 193 1.11 -8.28 -24.82
C VAL D 193 0.06 -9.36 -25.03
N THR D 194 -0.23 -10.08 -23.97
CA THR D 194 -1.08 -11.28 -24.07
C THR D 194 -2.51 -11.13 -23.52
N GLY D 195 -2.86 -9.96 -23.01
CA GLY D 195 -4.16 -9.80 -22.35
C GLY D 195 -4.28 -10.53 -20.99
N GLN D 196 -3.26 -11.30 -20.62
CA GLN D 196 -3.25 -12.11 -19.41
C GLN D 196 -2.89 -11.31 -18.14
N SER D 197 -3.00 -11.99 -16.99
CA SER D 197 -2.86 -11.34 -15.69
C SER D 197 -1.83 -11.99 -14.74
N TRP D 198 -1.37 -11.21 -13.78
CA TRP D 198 -0.48 -11.64 -12.70
C TRP D 198 -0.86 -13.05 -12.28
N PRO D 199 0.00 -14.04 -12.59
CA PRO D 199 -0.35 -15.45 -12.37
C PRO D 199 -0.48 -15.84 -10.89
N GLU D 200 -1.34 -16.81 -10.70
CA GLU D 200 -1.71 -17.36 -9.39
C GLU D 200 -0.50 -17.91 -8.65
N SER D 201 0.39 -18.51 -9.43
CA SER D 201 1.62 -19.10 -8.90
C SER D 201 2.54 -18.04 -8.30
N LEU D 202 2.53 -16.84 -8.88
CA LEU D 202 3.27 -15.69 -8.34
C LEU D 202 2.60 -15.06 -7.12
N ILE D 203 1.29 -15.19 -7.01
CA ILE D 203 0.62 -14.78 -5.79
C ILE D 203 1.09 -15.68 -4.66
N ARG D 204 1.14 -16.98 -4.89
CA ARG D 204 1.61 -17.93 -3.85
C ARG D 204 3.05 -17.67 -3.41
N LYS D 205 3.90 -17.45 -4.43
CA LYS D 205 5.33 -17.19 -4.22
C LYS D 205 5.61 -15.90 -3.48
N THR D 206 5.01 -14.82 -3.94
CA THR D 206 5.35 -13.51 -3.48
C THR D 206 4.42 -12.98 -2.40
N GLY D 207 3.23 -13.51 -2.33
CA GLY D 207 2.19 -12.99 -1.46
C GLY D 207 1.73 -11.60 -1.90
N TYR D 208 2.03 -11.24 -3.15
CA TYR D 208 1.52 -10.02 -3.77
C TYR D 208 0.33 -10.38 -4.65
N THR D 209 -0.67 -9.50 -4.63
CA THR D 209 -1.88 -9.61 -5.44
C THR D 209 -1.93 -8.37 -6.32
N LEU D 210 -2.83 -8.40 -7.28
CA LEU D 210 -3.06 -7.26 -8.10
C LEU D 210 -3.44 -6.04 -7.25
N GLU D 211 -4.07 -6.27 -6.09
CA GLU D 211 -4.50 -5.17 -5.24
C GLU D 211 -3.31 -4.49 -4.61
N SER D 212 -2.41 -5.27 -4.01
CA SER D 212 -1.22 -4.75 -3.37
C SER D 212 -0.28 -4.07 -4.36
N LEU D 213 -0.25 -4.59 -5.59
CA LEU D 213 0.55 -4.00 -6.64
C LEU D 213 -0.05 -2.74 -7.27
N LYS D 214 -1.31 -2.50 -7.04
CA LYS D 214 -2.00 -1.36 -7.67
C LYS D 214 -1.29 0.01 -7.58
N PRO D 215 -0.92 0.45 -6.37
CA PRO D 215 -0.25 1.76 -6.36
C PRO D 215 0.96 1.88 -7.31
N CYS D 216 1.85 0.90 -7.28
CA CYS D 216 3.02 0.90 -8.15
C CYS D 216 2.63 0.79 -9.64
N LEU D 217 1.68 -0.09 -9.88
CA LEU D 217 1.11 -0.33 -11.19
C LEU D 217 0.45 0.92 -11.81
N MET D 218 -0.29 1.66 -10.97
CA MET D 218 -0.91 2.93 -11.44
C MET D 218 0.15 3.93 -11.91
N ASP D 219 1.19 4.05 -11.09
CA ASP D 219 2.36 4.88 -11.40
C ASP D 219 3.10 4.43 -12.67
N LEU D 220 3.31 3.11 -12.77
CA LEU D 220 4.08 2.51 -13.88
C LEU D 220 3.34 2.63 -15.22
N HIS D 221 2.04 2.41 -15.19
CA HIS D 221 1.17 2.58 -16.35
C HIS D 221 1.25 4.04 -16.85
N GLN D 222 1.17 5.00 -15.92
CA GLN D 222 1.34 6.41 -16.24
C GLN D 222 2.72 6.65 -16.89
N THR D 223 3.74 6.10 -16.27
CA THR D 223 5.09 6.25 -16.79
C THR D 223 5.21 5.73 -18.21
N TYR D 224 4.59 4.57 -18.41
CA TYR D 224 4.55 3.94 -19.71
C TYR D 224 3.85 4.83 -20.73
N LEU D 225 2.67 5.31 -20.41
CA LEU D 225 1.93 6.21 -21.34
C LEU D 225 2.66 7.48 -21.69
N LYS D 226 3.31 8.11 -20.70
CA LYS D 226 3.99 9.39 -20.85
C LYS D 226 5.43 9.26 -21.37
N ALA D 227 5.87 8.03 -21.59
CA ALA D 227 7.29 7.73 -21.93
C ALA D 227 7.85 8.48 -23.16
N PRO D 228 7.09 8.51 -24.28
CA PRO D 228 7.60 9.18 -25.45
C PRO D 228 7.82 10.67 -25.29
N GLN D 229 7.22 11.28 -24.28
CA GLN D 229 7.42 12.72 -23.98
C GLN D 229 8.39 12.96 -22.84
N HIS D 230 8.88 11.91 -22.20
CA HIS D 230 9.94 12.03 -21.19
C HIS D 230 11.20 12.72 -21.74
N ALA D 231 11.76 13.64 -20.96
CA ALA D 231 13.02 14.27 -21.32
C ALA D 231 14.13 13.26 -21.66
N GLN D 232 14.11 12.16 -20.95
CA GLN D 232 15.10 11.10 -21.12
C GLN D 232 14.56 10.04 -22.02
N GLN D 233 15.34 9.66 -23.03
CA GLN D 233 14.86 8.77 -24.11
C GLN D 233 15.75 7.57 -24.40
N SER D 234 16.88 7.42 -23.71
CA SER D 234 17.83 6.35 -24.05
C SER D 234 17.28 4.93 -23.87
N ILE D 235 16.41 4.74 -22.89
CA ILE D 235 15.81 3.43 -22.65
C ILE D 235 14.82 3.07 -23.79
N ARG D 236 13.95 4.01 -24.18
CA ARG D 236 13.11 3.82 -25.34
C ARG D 236 13.95 3.48 -26.57
N GLU D 237 15.05 4.20 -26.80
CA GLU D 237 15.92 3.92 -27.95
C GLU D 237 16.45 2.52 -27.88
N LYS D 238 17.00 2.15 -26.75
CA LYS D 238 17.64 0.86 -26.57
C LYS D 238 16.69 -0.25 -26.87
N TYR D 239 15.46 -0.06 -26.41
CA TYR D 239 14.44 -1.10 -26.53
C TYR D 239 13.68 -1.15 -27.86
N LYS D 240 14.12 -0.38 -28.83
CA LYS D 240 13.65 -0.44 -30.23
C LYS D 240 14.40 -1.58 -30.91
N ASN D 241 15.70 -1.66 -30.64
CA ASN D 241 16.56 -2.74 -31.19
C ASN D 241 15.93 -4.14 -31.09
N SER D 242 16.17 -4.95 -32.13
CA SER D 242 15.60 -6.31 -32.22
C SER D 242 16.06 -7.21 -31.07
N LYS D 243 17.25 -6.95 -30.58
CA LYS D 243 17.78 -7.52 -29.34
C LYS D 243 16.68 -7.61 -28.22
N TYR D 244 15.81 -6.62 -28.18
CA TYR D 244 14.67 -6.53 -27.25
C TYR D 244 13.34 -6.54 -27.99
N HIS D 245 13.35 -7.17 -29.16
CA HIS D 245 12.15 -7.32 -30.01
C HIS D 245 11.32 -6.08 -30.27
N GLY D 246 11.98 -4.93 -30.36
CA GLY D 246 11.33 -3.66 -30.60
C GLY D 246 10.25 -3.21 -29.62
N VAL D 247 10.23 -3.80 -28.41
CA VAL D 247 9.09 -3.64 -27.49
C VAL D 247 8.68 -2.20 -27.13
N SER D 248 9.61 -1.27 -27.16
CA SER D 248 9.26 0.12 -26.80
C SER D 248 8.38 0.76 -27.86
N LEU D 249 8.34 0.18 -29.06
CA LEU D 249 7.47 0.63 -30.15
C LEU D 249 5.99 0.25 -29.97
N LEU D 250 5.74 -0.77 -29.14
CA LEU D 250 4.39 -1.23 -28.86
C LEU D 250 3.55 -0.14 -28.22
N ASN D 251 2.24 -0.15 -28.48
CA ASN D 251 1.32 0.79 -27.84
C ASN D 251 0.89 0.35 -26.43
N PRO D 252 1.06 1.24 -25.43
CA PRO D 252 0.56 0.93 -24.08
C PRO D 252 -1.00 0.87 -24.02
N PRO D 253 -1.53 -0.05 -23.21
CA PRO D 253 -2.99 -0.10 -22.97
C PRO D 253 -3.45 1.20 -22.33
N GLU D 254 -4.71 1.52 -22.45
CA GLU D 254 -5.19 2.81 -21.92
C GLU D 254 -5.85 2.66 -20.55
N THR D 255 -6.35 1.47 -20.24
CA THR D 255 -6.89 1.14 -18.92
C THR D 255 -6.50 -0.30 -18.61
N LEU D 256 -6.76 -0.67 -17.39
CA LEU D 256 -6.40 -2.00 -16.90
C LEU D 256 -7.60 -2.82 -16.42
N ASN D 257 -8.75 -2.18 -16.26
CA ASN D 257 -9.95 -2.64 -15.53
C ASN D 257 -9.71 -3.56 -14.34
N LEU D 258 -8.87 -3.11 -13.40
CA LEU D 258 -8.40 -3.95 -12.29
C LEU D 258 -9.49 -4.47 -11.33
FAT JYM E . -30.70 10.59 25.73
CAS JYM E . -30.06 11.56 26.10
FAU JYM E . -29.35 11.88 25.24
FAV JYM E . -30.84 12.50 26.32
C8 JYM E . -29.23 11.19 27.31
N9 JYM E . -29.45 10.19 28.16
N7 JYM E . -28.16 11.91 27.63
C5 JYM E . -27.66 11.32 28.70
C4 JYM E . -28.44 10.27 29.04
N3 JYM E . -28.13 9.55 30.14
C2 JYM E . -27.02 9.89 30.84
N2 JYM E . -26.64 9.22 31.91
N1 JYM E . -26.23 10.93 30.49
C6 JYM E . -26.59 11.64 29.40
O6 JYM E . -25.89 12.71 28.95
CAL JYM E . -24.53 12.75 29.35
CAM JYM E . -24.23 14.16 29.88
CAN JYM E . -25.47 14.99 30.10
CAO JYM E . -24.99 16.16 31.00
CAP JYM E . -23.97 17.03 30.23
CAQ JYM E . -22.86 16.22 29.58
CAR JYM E . -23.41 14.92 28.89
S1 DTT F . -45.86 32.75 -3.49
C1 DTT F . -45.48 34.40 -4.16
C2 DTT F . -46.71 35.16 -4.56
O2 DTT F . -46.46 36.45 -5.10
C3 DTT F . -48.11 34.82 -4.05
O3 DTT F . -49.02 35.83 -4.50
C4 DTT F . -48.61 33.51 -4.64
S4 DTT F . -47.87 32.02 -3.88
FAT JYM G . 41.17 -16.58 6.28
CAS JYM G . 41.97 -16.45 5.56
FAU JYM G . 42.62 -15.57 5.78
FAV JYM G . 41.55 -16.47 4.46
C8 JYM G . 42.87 -17.69 5.76
N9 JYM G . 43.15 -18.16 6.95
N7 JYM G . 43.44 -18.42 4.82
C5 JYM G . 44.12 -19.37 5.48
C4 JYM G . 43.92 -19.23 6.78
N3 JYM G . 44.50 -20.06 7.67
C2 JYM G . 45.28 -21.07 7.19
N2 JYM G . 45.87 -21.89 8.01
N1 JYM G . 45.45 -21.25 5.88
C6 JYM G . 44.87 -20.36 5.05
O6 JYM G . 44.97 -20.43 3.68
CAL JYM G . 45.79 -21.50 3.17
CAM JYM G . 46.53 -21.00 1.94
CAN JYM G . 47.77 -21.83 1.88
CAO JYM G . 48.70 -21.25 0.78
CAP JYM G . 49.12 -19.87 1.22
CAQ JYM G . 47.89 -19.00 1.09
CAR JYM G . 46.85 -19.50 2.09
S1 DTT H . 26.03 12.13 -17.09
C1 DTT H . 26.65 12.66 -18.73
C2 DTT H . 26.51 14.14 -18.90
O2 DTT H . 25.97 14.58 -20.10
C3 DTT H . 26.78 15.09 -17.76
O3 DTT H . 26.78 16.47 -18.20
C4 DTT H . 25.63 14.91 -16.80
S4 DTT H . 25.66 13.49 -15.60
#